data_8OUH
#
_entry.id   8OUH
#
_cell.length_a   1.00
_cell.length_b   1.00
_cell.length_c   1.00
_cell.angle_alpha   90.00
_cell.angle_beta   90.00
_cell.angle_gamma   90.00
#
_symmetry.space_group_name_H-M   'P 1'
#
loop_
_entity.id
_entity.type
_entity.pdbx_description
1 polymer 'Neutral amino acid transporter B(0)'
2 polymer Syncytin-1
3 non-polymer ALANINE
#
loop_
_entity_poly.entity_id
_entity_poly.type
_entity_poly.pdbx_seq_one_letter_code
_entity_poly.pdbx_strand_id
1 'polypeptide(L)'
;MWSHPQFEKSSGGLEVLFQGPMVADPPRDSKGLAAAEPTANGGLALASIEDQGAAAGGYCGSRDQVRRCLRANLLVLLTV
VAVVAGVALGLGVSGAGGALALGPERLSAFVFPGELLLRLLRMIILPLVVCSLIGGAASLDPGALGRLGAWALLFFLVTT
LLASALGVGLALALQPGAASAAINASVGAAGSAENAPSKEVLDSFLDLARNIFPSNLVSAAFRSYSTTYEERNITGTRVK
VPVGQEVEGMNILGLVVFAIVFGVALRKLGPEGELLIRFFNSFNEATMVLVSWIMWYAPVGIMFLVAGKIVEMEDVGLLF
ARLGKYILCCLLGHAIHGLLVLPLIYFLFTRKNPYRFLWGIVTPLATAFGTSSSSATLPLMMKCVEENNGVAKHISRFIL
PIGATVNMDGAALFQCVAAVFIAQLSQQSLDFVKIITILVTATASSVGAAGIPAGGVLTLAIILEAVNLPVDHISLILAV
DWLVDRSCTVLNVEGDALGAGLLQNYVDRTESRSTEPELIQVKSELPLDPLPVPTEEGNPLLKHYRGPAGDATVASEKES
VM
;
C,A,B
2 'polypeptide(L)'
;AVVAFVGLSLGAPPPCRCMTSSSPYQEFLWRMQRPGNIDAPSYRSLSKGTPTFTAHTHMPRNCYHSATLCMHANTHYWTG
KMINPSCPGGLGVTVCWTYFTQTGMSDGGGVQDQAREKHVKEVISQLTRVHGTSSPYKGLDLSKLHETLRTHTRLVSLFN
TTLTGLHEVSAQNPTNSWICLPLNFRPYVSIPVPEQWNNFSTEINTTSVLVGPLVSNLEITHTSNLTCVKFSNTTYTTNS
QCIRWVTPPTQIVCLPSGIFFVCGTSAYRCLNGSSESMCFLSFLVPPMTIYTEQDLYNYVISKPRNKRVPILPFVIGAGV
LGALGTGIGGITTSTQFYYKLSQELNGDMERVADSLVTLQDQLNSLAAVVLQNRRALDLLTAERGGTCLFLGEECCYYVN
QSGIVTEKVKEIRDRIQRRAEELRNTGPWGSGLEVLFQGPGPEPEA
;
D
#
# COMPACT_ATOMS: atom_id res chain seq x y z
N ASP A 64 -44.21 10.83 -38.04
CA ASP A 64 -43.59 10.82 -39.36
C ASP A 64 -42.43 9.82 -39.42
N GLN A 65 -42.20 9.26 -40.61
CA GLN A 65 -41.08 8.35 -40.79
C GLN A 65 -39.75 9.08 -40.62
N VAL A 66 -39.65 10.32 -41.11
CA VAL A 66 -38.41 11.08 -40.95
C VAL A 66 -38.18 11.42 -39.48
N ARG A 67 -39.25 11.69 -38.73
CA ARG A 67 -39.09 11.93 -37.29
C ARG A 67 -38.60 10.68 -36.58
N ARG A 68 -39.11 9.51 -36.97
CA ARG A 68 -38.61 8.26 -36.40
C ARG A 68 -37.15 8.03 -36.75
N CYS A 69 -36.75 8.36 -37.98
CA CYS A 69 -35.35 8.21 -38.37
C CYS A 69 -34.44 9.14 -37.57
N LEU A 70 -34.89 10.38 -37.35
CA LEU A 70 -34.13 11.31 -36.52
C LEU A 70 -34.03 10.82 -35.08
N ARG A 71 -35.13 10.30 -34.53
CA ARG A 71 -35.12 9.88 -33.13
C ARG A 71 -34.28 8.62 -32.93
N ALA A 72 -34.34 7.68 -33.86
CA ALA A 72 -33.63 6.41 -33.69
C ALA A 72 -32.11 6.59 -33.82
N ASN A 73 -31.67 7.42 -34.77
CA ASN A 73 -30.26 7.64 -35.03
C ASN A 73 -29.76 8.95 -34.45
N LEU A 74 -30.23 9.31 -33.25
CA LEU A 74 -29.88 10.59 -32.66
C LEU A 74 -28.40 10.69 -32.33
N LEU A 75 -27.80 9.58 -31.87
CA LEU A 75 -26.43 9.63 -31.38
C LEU A 75 -25.43 9.94 -32.48
N VAL A 76 -25.57 9.30 -33.65
CA VAL A 76 -24.60 9.50 -34.72
C VAL A 76 -24.71 10.91 -35.31
N LEU A 77 -25.94 11.40 -35.48
CA LEU A 77 -26.12 12.77 -35.96
C LEU A 77 -25.62 13.79 -34.95
N LEU A 78 -25.82 13.51 -33.66
CA LEU A 78 -25.29 14.39 -32.62
C LEU A 78 -23.77 14.40 -32.65
N THR A 79 -23.15 13.23 -32.89
CA THR A 79 -21.70 13.18 -33.00
C THR A 79 -21.18 13.98 -34.20
N VAL A 80 -21.87 13.86 -35.33
CA VAL A 80 -21.47 14.60 -36.52
C VAL A 80 -21.62 16.11 -36.30
N VAL A 81 -22.73 16.52 -35.71
CA VAL A 81 -22.95 17.93 -35.39
C VAL A 81 -21.91 18.42 -34.39
N ALA A 82 -21.53 17.56 -33.44
CA ALA A 82 -20.50 17.92 -32.48
C ALA A 82 -19.15 18.13 -33.15
N VAL A 83 -18.80 17.27 -34.11
CA VAL A 83 -17.54 17.45 -34.83
C VAL A 83 -17.57 18.77 -35.62
N VAL A 84 -18.68 19.05 -36.29
CA VAL A 84 -18.78 20.28 -37.08
C VAL A 84 -18.70 21.51 -36.18
N ALA A 85 -19.42 21.48 -35.05
CA ALA A 85 -19.40 22.60 -34.12
C ALA A 85 -18.04 22.76 -33.46
N GLY A 86 -17.35 21.66 -33.19
CA GLY A 86 -16.00 21.75 -32.66
C GLY A 86 -15.03 22.38 -33.64
N VAL A 87 -15.15 22.02 -34.92
CA VAL A 87 -14.34 22.68 -35.95
C VAL A 87 -14.65 24.17 -36.00
N ALA A 88 -15.94 24.52 -35.98
CA ALA A 88 -16.32 25.93 -36.05
C ALA A 88 -15.79 26.70 -34.85
N LEU A 89 -15.90 26.12 -33.64
CA LEU A 89 -15.40 26.78 -32.45
C LEU A 89 -13.88 26.89 -32.46
N GLY A 90 -13.21 25.87 -33.00
CA GLY A 90 -11.75 25.93 -33.10
C GLY A 90 -11.28 27.06 -33.99
N LEU A 91 -11.88 27.19 -35.18
CA LEU A 91 -11.54 28.32 -36.03
C LEU A 91 -11.96 29.66 -35.43
N GLY A 92 -13.09 29.70 -34.72
CA GLY A 92 -13.50 30.94 -34.09
C GLY A 92 -12.54 31.40 -33.02
N VAL A 93 -12.05 30.47 -32.19
CA VAL A 93 -11.09 30.83 -31.15
C VAL A 93 -9.73 31.16 -31.77
N SER A 94 -9.29 30.37 -32.76
CA SER A 94 -8.01 30.63 -33.41
C SER A 94 -8.04 31.86 -34.31
N GLY A 95 -9.21 32.43 -34.56
CA GLY A 95 -9.31 33.66 -35.33
C GLY A 95 -9.43 34.87 -34.44
N ALA A 96 -10.66 35.36 -34.25
CA ALA A 96 -10.90 36.46 -33.33
C ALA A 96 -10.50 36.05 -31.91
N GLY A 97 -9.85 36.97 -31.21
CA GLY A 97 -9.32 36.69 -29.89
C GLY A 97 -7.88 36.24 -29.93
N GLY A 98 -7.61 35.11 -30.57
CA GLY A 98 -6.25 34.62 -30.71
C GLY A 98 -5.97 33.45 -29.79
N ALA A 99 -5.25 32.45 -30.31
CA ALA A 99 -4.89 31.28 -29.52
C ALA A 99 -3.79 31.58 -28.51
N LEU A 100 -3.04 32.66 -28.69
CA LEU A 100 -2.01 33.06 -27.75
C LEU A 100 -2.50 34.07 -26.72
N ALA A 101 -3.70 34.64 -26.92
CA ALA A 101 -4.20 35.61 -25.97
C ALA A 101 -4.59 34.95 -24.65
N LEU A 102 -5.32 33.84 -24.72
CA LEU A 102 -5.73 33.14 -23.50
C LEU A 102 -4.59 32.39 -22.85
N GLY A 103 -3.63 31.90 -23.64
CA GLY A 103 -2.48 31.21 -23.10
C GLY A 103 -2.80 29.78 -22.73
N PRO A 104 -1.76 29.01 -22.37
CA PRO A 104 -2.00 27.62 -21.93
C PRO A 104 -2.84 27.51 -20.67
N GLU A 105 -2.74 28.50 -19.78
CA GLU A 105 -3.50 28.44 -18.51
C GLU A 105 -5.00 28.42 -18.77
N ARG A 106 -5.48 29.24 -19.70
CA ARG A 106 -6.88 29.21 -20.09
C ARG A 106 -7.17 28.12 -21.12
N LEU A 107 -6.16 27.72 -21.89
CA LEU A 107 -6.36 26.65 -22.87
C LEU A 107 -6.68 25.32 -22.19
N SER A 108 -6.04 25.07 -21.05
CA SER A 108 -6.33 23.84 -20.30
C SER A 108 -7.79 23.81 -19.86
N ALA A 109 -8.29 24.92 -19.31
CA ALA A 109 -9.69 24.98 -18.91
C ALA A 109 -10.63 24.92 -20.11
N PHE A 110 -10.19 25.46 -21.25
CA PHE A 110 -11.01 25.41 -22.46
C PHE A 110 -11.14 23.98 -22.99
N VAL A 111 -10.05 23.19 -22.93
CA VAL A 111 -10.06 21.84 -23.45
C VAL A 111 -10.42 20.81 -22.37
N PHE A 112 -10.67 21.26 -21.14
CA PHE A 112 -11.01 20.35 -20.05
C PHE A 112 -12.15 19.35 -20.31
N PRO A 113 -13.27 19.71 -20.97
CA PRO A 113 -14.29 18.68 -21.22
C PRO A 113 -13.80 17.50 -22.03
N GLY A 114 -12.91 17.73 -22.99
CA GLY A 114 -12.32 16.61 -23.72
C GLY A 114 -11.46 15.72 -22.85
N GLU A 115 -10.68 16.32 -21.96
CA GLU A 115 -9.91 15.55 -20.99
C GLU A 115 -10.83 14.76 -20.07
N LEU A 116 -11.97 15.35 -19.70
CA LEU A 116 -12.94 14.63 -18.87
C LEU A 116 -13.52 13.43 -19.60
N LEU A 117 -13.84 13.59 -20.88
CA LEU A 117 -14.33 12.46 -21.67
C LEU A 117 -13.26 11.37 -21.78
N LEU A 118 -12.00 11.78 -21.98
CA LEU A 118 -10.91 10.81 -22.07
C LEU A 118 -10.75 10.06 -20.74
N ARG A 119 -10.85 10.77 -19.62
CA ARG A 119 -10.75 10.12 -18.32
C ARG A 119 -11.90 9.15 -18.09
N LEU A 120 -13.11 9.54 -18.49
CA LEU A 120 -14.26 8.64 -18.35
C LEU A 120 -14.07 7.39 -19.21
N LEU A 121 -13.54 7.56 -20.43
CA LEU A 121 -13.29 6.41 -21.29
C LEU A 121 -12.20 5.51 -20.71
N ARG A 122 -11.16 6.10 -20.12
CA ARG A 122 -10.07 5.30 -19.57
C ARG A 122 -10.44 4.60 -18.27
N MET A 123 -11.39 5.15 -17.52
CA MET A 123 -11.79 4.53 -16.26
C MET A 123 -12.49 3.19 -16.46
N ILE A 124 -13.16 2.99 -17.59
CA ILE A 124 -13.95 1.79 -17.82
C ILE A 124 -13.20 0.71 -18.59
N ILE A 125 -11.95 0.96 -19.01
CA ILE A 125 -11.24 0.00 -19.86
C ILE A 125 -10.96 -1.29 -19.09
N LEU A 126 -10.47 -1.18 -17.86
CA LEU A 126 -10.08 -2.38 -17.10
C LEU A 126 -11.25 -3.31 -16.82
N PRO A 127 -12.40 -2.85 -16.30
CA PRO A 127 -13.51 -3.82 -16.12
C PRO A 127 -14.07 -4.32 -17.43
N LEU A 128 -14.27 -3.44 -18.42
CA LEU A 128 -14.85 -3.84 -19.70
C LEU A 128 -13.97 -4.85 -20.42
N VAL A 129 -12.67 -4.85 -20.13
CA VAL A 129 -11.79 -5.87 -20.70
C VAL A 129 -11.85 -7.14 -19.88
N VAL A 130 -11.51 -7.05 -18.58
CA VAL A 130 -11.35 -8.25 -17.75
C VAL A 130 -12.66 -9.02 -17.66
N CYS A 131 -13.72 -8.34 -17.23
CA CYS A 131 -15.04 -8.87 -17.45
C CYS A 131 -15.35 -8.79 -18.94
N SER A 132 -16.10 -9.78 -19.41
CA SER A 132 -16.41 -10.07 -20.81
C SER A 132 -15.21 -10.66 -21.55
N LEU A 133 -13.99 -10.55 -21.04
CA LEU A 133 -12.98 -11.45 -21.59
C LEU A 133 -13.00 -12.77 -20.83
N ILE A 134 -13.19 -12.72 -19.52
CA ILE A 134 -13.51 -13.94 -18.77
C ILE A 134 -14.83 -14.52 -19.28
N GLY A 135 -15.77 -13.65 -19.64
CA GLY A 135 -17.04 -14.13 -20.18
C GLY A 135 -16.91 -14.82 -21.53
N GLY A 136 -16.19 -14.19 -22.47
CA GLY A 136 -16.02 -14.79 -23.77
C GLY A 136 -15.18 -16.06 -23.74
N ALA A 137 -14.12 -16.06 -22.93
CA ALA A 137 -13.26 -17.24 -22.87
C ALA A 137 -13.93 -18.44 -22.24
N ALA A 138 -14.93 -18.22 -21.38
CA ALA A 138 -15.62 -19.31 -20.69
C ALA A 138 -16.90 -19.74 -21.37
N SER A 139 -17.25 -19.14 -22.51
CA SER A 139 -18.52 -19.44 -23.17
C SER A 139 -18.36 -19.90 -24.62
N LEU A 140 -17.13 -19.96 -25.15
CA LEU A 140 -16.96 -20.36 -26.54
C LEU A 140 -17.19 -21.85 -26.74
N ASP A 141 -16.84 -22.66 -25.72
CA ASP A 141 -17.03 -24.10 -25.65
C ASP A 141 -16.15 -24.86 -26.64
N PRO A 142 -15.68 -26.05 -26.29
CA PRO A 142 -14.89 -26.85 -27.24
C PRO A 142 -15.73 -27.31 -28.41
N GLY A 143 -15.07 -27.49 -29.55
CA GLY A 143 -15.73 -27.92 -30.77
C GLY A 143 -16.20 -29.37 -30.72
N SER A 198 15.73 4.02 -29.82
CA SER A 198 15.60 3.89 -28.37
C SER A 198 15.79 2.46 -27.92
N LYS A 199 14.68 1.77 -27.66
CA LYS A 199 14.74 0.38 -27.22
C LYS A 199 15.18 -0.52 -28.38
N GLU A 200 16.04 -1.48 -28.07
CA GLU A 200 16.52 -2.42 -29.06
C GLU A 200 15.45 -3.49 -29.34
N VAL A 201 15.73 -4.33 -30.34
CA VAL A 201 14.78 -5.35 -30.74
C VAL A 201 14.62 -6.40 -29.63
N LEU A 202 15.74 -6.89 -29.11
CA LEU A 202 15.69 -7.93 -28.09
C LEU A 202 15.06 -7.40 -26.80
N ASP A 203 15.39 -6.18 -26.41
CA ASP A 203 14.82 -5.62 -25.19
C ASP A 203 13.33 -5.34 -25.35
N SER A 204 12.91 -4.90 -26.53
CA SER A 204 11.49 -4.69 -26.78
C SER A 204 10.73 -6.02 -26.74
N PHE A 205 11.31 -7.08 -27.31
CA PHE A 205 10.68 -8.39 -27.27
C PHE A 205 10.60 -8.91 -25.84
N LEU A 206 11.65 -8.70 -25.04
CA LEU A 206 11.64 -9.12 -23.65
C LEU A 206 10.61 -8.35 -22.85
N ASP A 207 10.48 -7.04 -23.11
CA ASP A 207 9.45 -6.25 -22.44
C ASP A 207 8.06 -6.73 -22.81
N LEU A 208 7.84 -7.06 -24.09
CA LEU A 208 6.55 -7.57 -24.52
C LEU A 208 6.24 -8.90 -23.84
N ALA A 209 7.25 -9.78 -23.72
CA ALA A 209 7.04 -11.06 -23.04
C ALA A 209 6.76 -10.88 -21.56
N ARG A 210 7.45 -9.92 -20.92
CA ARG A 210 7.23 -9.66 -19.51
C ARG A 210 5.86 -9.04 -19.26
N ASN A 211 5.38 -8.20 -20.18
CA ASN A 211 4.08 -7.57 -20.01
C ASN A 211 2.93 -8.54 -20.25
N ILE A 212 3.17 -9.64 -20.96
CA ILE A 212 2.14 -10.65 -21.15
C ILE A 212 1.85 -11.36 -19.83
N PHE A 213 2.90 -11.68 -19.07
CA PHE A 213 2.77 -12.30 -17.75
C PHE A 213 3.19 -11.28 -16.71
N PRO A 214 2.27 -10.47 -16.19
CA PRO A 214 2.65 -9.23 -15.48
C PRO A 214 3.26 -9.45 -14.10
N SER A 215 3.20 -10.66 -13.55
CA SER A 215 3.77 -11.06 -12.26
C SER A 215 3.09 -10.41 -11.06
N ASN A 216 2.12 -9.52 -11.27
CA ASN A 216 1.35 -8.93 -10.18
C ASN A 216 0.05 -8.40 -10.77
N LEU A 217 -1.08 -8.98 -10.36
CA LEU A 217 -2.35 -8.64 -10.98
C LEU A 217 -2.79 -7.23 -10.62
N VAL A 218 -2.70 -6.87 -9.34
CA VAL A 218 -3.13 -5.53 -8.91
C VAL A 218 -2.20 -4.47 -9.49
N SER A 219 -0.89 -4.72 -9.47
CA SER A 219 0.06 -3.76 -10.02
C SER A 219 -0.09 -3.62 -11.53
N ALA A 220 -0.56 -4.67 -12.21
CA ALA A 220 -0.75 -4.60 -13.66
C ALA A 220 -1.88 -3.66 -14.06
N ALA A 221 -2.76 -3.32 -13.13
CA ALA A 221 -3.90 -2.46 -13.45
C ALA A 221 -3.51 -1.00 -13.64
N PHE A 222 -2.33 -0.59 -13.14
CA PHE A 222 -1.96 0.82 -13.22
C PHE A 222 -0.50 1.06 -13.58
N ARG A 223 0.26 0.02 -13.94
CA ARG A 223 1.63 0.22 -14.39
C ARG A 223 2.10 -0.98 -15.18
N SER A 224 3.13 -0.77 -15.99
CA SER A 224 3.65 -1.77 -16.90
C SER A 224 5.18 -1.75 -16.89
N TYR A 225 5.76 -2.88 -17.25
CA TYR A 225 7.22 -3.02 -17.29
C TYR A 225 7.79 -2.37 -18.55
N SER A 226 8.92 -1.68 -18.38
CA SER A 226 9.62 -1.09 -19.51
C SER A 226 11.12 -1.10 -19.21
N THR A 227 11.92 -1.11 -20.27
CA THR A 227 13.37 -1.16 -20.17
C THR A 227 13.97 0.18 -20.56
N THR A 228 14.82 0.72 -19.69
CA THR A 228 15.50 1.98 -19.94
C THR A 228 17.01 1.76 -19.91
N TYR A 229 17.72 2.54 -20.72
CA TYR A 229 19.16 2.43 -20.85
C TYR A 229 19.86 3.53 -20.08
N GLU A 230 21.05 3.21 -19.55
CA GLU A 230 21.87 4.18 -18.85
C GLU A 230 23.32 3.73 -18.91
N GLU A 231 24.23 4.66 -18.63
CA GLU A 231 25.67 4.43 -18.68
C GLU A 231 26.25 4.28 -17.28
N ARG A 232 25.54 3.57 -16.39
CA ARG A 232 25.99 3.42 -15.01
C ARG A 232 27.33 2.68 -14.93
N ASN A 233 27.60 1.79 -15.87
CA ASN A 233 28.86 1.05 -15.90
C ASN A 233 29.88 1.87 -16.68
N ILE A 234 30.43 2.88 -16.01
CA ILE A 234 31.40 3.77 -16.64
C ILE A 234 32.80 3.16 -16.72
N THR A 235 33.00 1.95 -16.20
CA THR A 235 34.29 1.30 -16.31
C THR A 235 34.50 0.80 -17.73
N GLY A 236 35.67 1.10 -18.30
CA GLY A 236 35.96 0.66 -19.65
C GLY A 236 35.16 1.42 -20.69
N THR A 237 34.69 0.69 -21.70
CA THR A 237 33.93 1.29 -22.79
C THR A 237 32.53 1.71 -22.32
N ARG A 238 31.88 2.52 -23.14
CA ARG A 238 30.55 3.05 -22.82
C ARG A 238 29.52 1.96 -23.12
N VAL A 239 29.38 1.04 -22.17
CA VAL A 239 28.45 -0.08 -22.31
C VAL A 239 27.07 0.36 -21.81
N LYS A 240 26.04 0.04 -22.60
CA LYS A 240 24.66 0.37 -22.24
C LYS A 240 24.08 -0.77 -21.43
N VAL A 241 23.73 -0.51 -20.19
CA VAL A 241 23.17 -1.50 -19.28
C VAL A 241 21.67 -1.29 -19.21
N PRO A 242 20.86 -2.23 -19.69
CA PRO A 242 19.40 -2.06 -19.62
C PRO A 242 18.86 -2.41 -18.25
N VAL A 243 17.91 -1.61 -17.77
CA VAL A 243 17.27 -1.82 -16.48
C VAL A 243 15.77 -1.63 -16.63
N GLY A 244 15.02 -2.29 -15.77
CA GLY A 244 13.57 -2.16 -15.76
C GLY A 244 13.08 -1.67 -14.42
N GLN A 245 12.04 -0.83 -14.45
CA GLN A 245 11.59 -0.17 -13.23
C GLN A 245 10.06 -0.12 -13.08
N GLU A 246 9.31 -0.81 -13.93
CA GLU A 246 7.84 -0.86 -13.86
C GLU A 246 7.25 0.56 -13.93
N VAL A 247 7.42 1.17 -15.09
CA VAL A 247 7.00 2.55 -15.33
C VAL A 247 5.48 2.64 -15.29
N GLU A 248 4.95 3.86 -15.24
CA GLU A 248 3.51 4.05 -15.23
C GLU A 248 2.90 3.64 -16.57
N GLY A 249 1.88 2.81 -16.52
CA GLY A 249 1.16 2.38 -17.69
C GLY A 249 -0.21 1.91 -17.28
N MET A 250 -0.82 1.07 -18.11
CA MET A 250 -2.03 0.40 -17.67
C MET A 250 -2.15 -1.04 -18.13
N ASN A 251 -1.31 -1.50 -19.07
CA ASN A 251 -1.04 -2.92 -19.31
C ASN A 251 -2.29 -3.68 -19.77
N ILE A 252 -2.68 -3.40 -21.01
CA ILE A 252 -3.73 -4.19 -21.65
C ILE A 252 -3.33 -5.65 -21.78
N LEU A 253 -2.09 -5.92 -22.19
CA LEU A 253 -1.70 -7.26 -22.62
C LEU A 253 -1.80 -8.27 -21.48
N GLY A 254 -1.24 -7.94 -20.31
CA GLY A 254 -1.25 -8.88 -19.21
C GLY A 254 -2.64 -9.18 -18.70
N LEU A 255 -3.47 -8.14 -18.57
CA LEU A 255 -4.84 -8.33 -18.13
C LEU A 255 -5.63 -9.15 -19.15
N VAL A 256 -5.42 -8.91 -20.44
CA VAL A 256 -6.13 -9.67 -21.48
C VAL A 256 -5.75 -11.14 -21.41
N VAL A 257 -4.44 -11.42 -21.31
CA VAL A 257 -3.99 -12.80 -21.26
C VAL A 257 -4.51 -13.51 -20.01
N PHE A 258 -4.44 -12.83 -18.86
CA PHE A 258 -4.93 -13.42 -17.62
C PHE A 258 -6.44 -13.66 -17.68
N ALA A 259 -7.19 -12.72 -18.26
CA ALA A 259 -8.63 -12.90 -18.35
C ALA A 259 -9.00 -14.06 -19.27
N ILE A 260 -8.32 -14.19 -20.40
CA ILE A 260 -8.59 -15.30 -21.31
C ILE A 260 -8.25 -16.62 -20.63
N VAL A 261 -7.09 -16.69 -19.96
CA VAL A 261 -6.69 -17.92 -19.29
C VAL A 261 -7.66 -18.27 -18.16
N PHE A 262 -8.10 -17.26 -17.41
CA PHE A 262 -9.05 -17.50 -16.31
C PHE A 262 -10.40 -17.97 -16.85
N GLY A 263 -10.84 -17.40 -17.96
CA GLY A 263 -12.08 -17.88 -18.57
C GLY A 263 -11.98 -19.31 -19.05
N VAL A 264 -10.85 -19.67 -19.66
CA VAL A 264 -10.66 -21.05 -20.10
C VAL A 264 -10.64 -21.99 -18.89
N ALA A 265 -9.99 -21.56 -17.80
CA ALA A 265 -9.96 -22.37 -16.58
C ALA A 265 -11.36 -22.54 -15.99
N LEU A 266 -12.16 -21.48 -16.02
CA LEU A 266 -13.54 -21.58 -15.57
C LEU A 266 -14.34 -22.54 -16.45
N ARG A 267 -14.07 -22.54 -17.75
CA ARG A 267 -14.70 -23.49 -18.65
C ARG A 267 -14.29 -24.93 -18.30
N LYS A 268 -13.02 -25.13 -17.95
CA LYS A 268 -12.56 -26.46 -17.56
C LYS A 268 -13.26 -26.94 -16.30
N LEU A 269 -13.53 -26.04 -15.36
CA LEU A 269 -14.33 -26.40 -14.20
C LEU A 269 -15.76 -26.73 -14.62
N GLY A 270 -16.41 -27.56 -13.82
CA GLY A 270 -17.76 -27.97 -14.11
C GLY A 270 -18.77 -26.94 -13.65
N PRO A 271 -19.80 -27.37 -12.92
CA PRO A 271 -20.78 -26.42 -12.38
C PRO A 271 -20.22 -25.51 -11.29
N GLU A 272 -18.98 -25.74 -10.85
CA GLU A 272 -18.39 -24.90 -9.81
C GLU A 272 -18.13 -23.48 -10.31
N GLY A 273 -17.70 -23.34 -11.56
CA GLY A 273 -17.40 -22.04 -12.13
C GLY A 273 -18.57 -21.28 -12.68
N GLU A 274 -19.78 -21.85 -12.62
CA GLU A 274 -20.95 -21.16 -13.15
C GLU A 274 -21.27 -19.91 -12.35
N LEU A 275 -21.06 -19.95 -11.02
CA LEU A 275 -21.28 -18.77 -10.21
C LEU A 275 -20.33 -17.64 -10.61
N LEU A 276 -19.05 -17.97 -10.84
CA LEU A 276 -18.10 -16.95 -11.27
C LEU A 276 -18.45 -16.42 -12.65
N ILE A 277 -18.91 -17.30 -13.55
CA ILE A 277 -19.29 -16.88 -14.90
C ILE A 277 -20.45 -15.89 -14.82
N ARG A 278 -21.47 -16.21 -14.01
CA ARG A 278 -22.61 -15.31 -13.84
C ARG A 278 -22.19 -14.00 -13.20
N PHE A 279 -21.29 -14.05 -12.21
CA PHE A 279 -20.79 -12.84 -11.56
C PHE A 279 -20.11 -11.93 -12.56
N PHE A 280 -19.21 -12.48 -13.38
CA PHE A 280 -18.50 -11.65 -14.34
C PHE A 280 -19.41 -11.16 -15.46
N ASN A 281 -20.41 -11.96 -15.85
CA ASN A 281 -21.37 -11.51 -16.85
C ASN A 281 -22.21 -10.34 -16.33
N SER A 282 -22.65 -10.42 -15.07
CA SER A 282 -23.39 -9.31 -14.48
C SER A 282 -22.52 -8.06 -14.37
N PHE A 283 -21.25 -8.24 -13.99
CA PHE A 283 -20.34 -7.10 -13.93
C PHE A 283 -20.16 -6.47 -15.30
N ASN A 284 -20.05 -7.31 -16.34
CA ASN A 284 -19.93 -6.79 -17.71
C ASN A 284 -21.19 -6.05 -18.14
N GLU A 285 -22.36 -6.55 -17.77
CA GLU A 285 -23.60 -5.86 -18.11
C GLU A 285 -23.68 -4.49 -17.44
N ALA A 286 -23.30 -4.43 -16.16
CA ALA A 286 -23.27 -3.13 -15.49
C ALA A 286 -22.27 -2.19 -16.14
N THR A 287 -21.09 -2.71 -16.52
CA THR A 287 -20.10 -1.89 -17.21
C THR A 287 -20.64 -1.39 -18.54
N MET A 288 -21.40 -2.22 -19.25
CA MET A 288 -22.04 -1.79 -20.49
C MET A 288 -23.04 -0.67 -20.23
N VAL A 289 -23.76 -0.74 -19.11
CA VAL A 289 -24.69 0.34 -18.76
C VAL A 289 -23.93 1.65 -18.54
N LEU A 290 -22.79 1.58 -17.82
CA LEU A 290 -21.96 2.78 -17.69
C LEU A 290 -21.42 3.27 -19.03
N VAL A 291 -21.09 2.34 -19.94
CA VAL A 291 -20.63 2.73 -21.27
C VAL A 291 -21.72 3.50 -22.01
N SER A 292 -22.95 2.99 -21.95
CA SER A 292 -24.07 3.67 -22.61
C SER A 292 -24.32 5.04 -22.00
N TRP A 293 -24.19 5.16 -20.68
CA TRP A 293 -24.34 6.48 -20.05
C TRP A 293 -23.23 7.43 -20.47
N ILE A 294 -22.00 6.93 -20.56
CA ILE A 294 -20.86 7.78 -20.91
C ILE A 294 -20.98 8.28 -22.34
N MET A 295 -21.39 7.40 -23.26
CA MET A 295 -21.45 7.78 -24.67
C MET A 295 -22.50 8.86 -24.95
N TRP A 296 -23.42 9.12 -24.02
CA TRP A 296 -24.33 10.24 -24.20
C TRP A 296 -23.65 11.58 -23.93
N TYR A 297 -22.69 11.60 -23.00
CA TYR A 297 -21.91 12.81 -22.75
C TYR A 297 -20.90 13.07 -23.86
N ALA A 298 -20.59 12.05 -24.67
CA ALA A 298 -19.49 12.11 -25.63
C ALA A 298 -19.51 13.32 -26.57
N PRO A 299 -20.64 13.70 -27.22
CA PRO A 299 -20.55 14.78 -28.22
C PRO A 299 -19.92 16.07 -27.73
N VAL A 300 -20.18 16.46 -26.49
CA VAL A 300 -19.47 17.60 -25.90
C VAL A 300 -17.97 17.33 -25.86
N GLY A 301 -17.59 16.10 -25.51
CA GLY A 301 -16.18 15.76 -25.43
C GLY A 301 -15.48 15.83 -26.77
N ILE A 302 -16.09 15.26 -27.82
CA ILE A 302 -15.49 15.34 -29.15
C ILE A 302 -15.48 16.78 -29.65
N MET A 303 -16.54 17.55 -29.36
CA MET A 303 -16.56 18.96 -29.73
C MET A 303 -15.37 19.71 -29.15
N PHE A 304 -15.16 19.57 -27.85
CA PHE A 304 -14.09 20.32 -27.20
C PHE A 304 -12.71 19.78 -27.58
N LEU A 305 -12.58 18.47 -27.79
CA LEU A 305 -11.31 17.92 -28.25
C LEU A 305 -10.95 18.45 -29.63
N VAL A 306 -11.93 18.46 -30.55
CA VAL A 306 -11.68 18.97 -31.89
C VAL A 306 -11.35 20.45 -31.85
N ALA A 307 -12.07 21.22 -31.04
CA ALA A 307 -11.77 22.64 -30.90
C ALA A 307 -10.35 22.87 -30.38
N GLY A 308 -9.95 22.09 -29.38
CA GLY A 308 -8.59 22.23 -28.85
C GLY A 308 -7.52 21.86 -29.85
N LYS A 309 -7.74 20.78 -30.61
CA LYS A 309 -6.76 20.38 -31.62
C LYS A 309 -6.65 21.40 -32.73
N ILE A 310 -7.77 21.99 -33.17
CA ILE A 310 -7.71 23.02 -34.20
C ILE A 310 -7.04 24.28 -33.67
N VAL A 311 -7.32 24.64 -32.41
CA VAL A 311 -6.71 25.82 -31.82
C VAL A 311 -5.20 25.64 -31.68
N GLU A 312 -4.76 24.47 -31.24
CA GLU A 312 -3.34 24.23 -30.98
C GLU A 312 -2.51 24.30 -32.25
N MET A 313 -2.99 23.74 -33.35
CA MET A 313 -2.25 23.68 -34.60
C MET A 313 -2.69 24.82 -35.52
N GLU A 314 -2.01 24.92 -36.67
CA GLU A 314 -2.31 25.96 -37.65
C GLU A 314 -1.77 25.52 -39.00
N ASP A 315 -2.66 25.33 -39.97
CA ASP A 315 -2.25 24.92 -41.30
C ASP A 315 -2.93 25.71 -42.42
N VAL A 316 -3.78 26.68 -42.10
CA VAL A 316 -4.46 27.47 -43.11
C VAL A 316 -3.82 28.85 -43.22
N ASP B 64 3.99 -52.55 -19.39
CA ASP B 64 5.00 -52.92 -18.41
C ASP B 64 4.88 -52.07 -17.14
N GLN B 65 5.33 -52.63 -16.01
CA GLN B 65 5.27 -51.91 -14.75
C GLN B 65 6.16 -50.67 -14.76
N VAL B 66 7.33 -50.78 -15.40
CA VAL B 66 8.24 -49.64 -15.47
C VAL B 66 7.64 -48.50 -16.29
N ARG B 67 6.92 -48.83 -17.36
CA ARG B 67 6.27 -47.79 -18.15
C ARG B 67 5.21 -47.07 -17.34
N ARG B 68 4.41 -47.82 -16.58
CA ARG B 68 3.43 -47.19 -15.70
C ARG B 68 4.10 -46.33 -14.63
N CYS B 69 5.26 -46.78 -14.14
CA CYS B 69 5.98 -46.01 -13.11
C CYS B 69 6.46 -44.68 -13.66
N LEU B 70 7.04 -44.67 -14.87
CA LEU B 70 7.43 -43.40 -15.46
C LEU B 70 6.23 -42.53 -15.83
N ARG B 71 5.13 -43.13 -16.28
CA ARG B 71 3.96 -42.32 -16.62
C ARG B 71 3.36 -41.67 -15.37
N ALA B 72 3.32 -42.39 -14.26
CA ALA B 72 2.76 -41.83 -13.04
C ALA B 72 3.66 -40.75 -12.45
N ASN B 73 4.97 -40.97 -12.46
CA ASN B 73 5.95 -40.05 -11.88
C ASN B 73 6.68 -39.24 -12.95
N LEU B 74 5.97 -38.84 -14.00
CA LEU B 74 6.63 -38.18 -15.12
C LEU B 74 7.12 -36.78 -14.75
N LEU B 75 6.33 -36.05 -13.95
CA LEU B 75 6.67 -34.68 -13.59
C LEU B 75 7.95 -34.61 -12.75
N VAL B 76 8.07 -35.50 -11.75
CA VAL B 76 9.23 -35.43 -10.87
C VAL B 76 10.51 -35.83 -11.61
N LEU B 77 10.42 -36.81 -12.50
CA LEU B 77 11.57 -37.16 -13.33
C LEU B 77 11.95 -36.02 -14.27
N LEU B 78 10.95 -35.36 -14.88
CA LEU B 78 11.28 -34.19 -15.69
C LEU B 78 11.95 -33.10 -14.87
N THR B 79 11.49 -32.90 -13.63
CA THR B 79 12.06 -31.84 -12.79
C THR B 79 13.50 -32.15 -12.40
N VAL B 80 13.79 -33.40 -12.01
CA VAL B 80 15.16 -33.73 -11.62
C VAL B 80 16.08 -33.73 -12.83
N VAL B 81 15.60 -34.19 -13.99
CA VAL B 81 16.40 -34.10 -15.21
C VAL B 81 16.64 -32.65 -15.59
N ALA B 82 15.65 -31.78 -15.37
CA ALA B 82 15.83 -30.37 -15.64
C ALA B 82 16.89 -29.75 -14.73
N VAL B 83 16.89 -30.13 -13.45
CA VAL B 83 17.89 -29.62 -12.51
C VAL B 83 19.29 -30.08 -12.94
N VAL B 84 19.42 -31.37 -13.27
CA VAL B 84 20.71 -31.91 -13.68
C VAL B 84 21.20 -31.24 -14.96
N ALA B 85 20.30 -31.08 -15.94
CA ALA B 85 20.65 -30.45 -17.20
C ALA B 85 20.99 -28.97 -17.02
N GLY B 86 20.32 -28.29 -16.09
CA GLY B 86 20.68 -26.91 -15.79
C GLY B 86 22.07 -26.80 -15.20
N VAL B 87 22.40 -27.69 -14.26
CA VAL B 87 23.75 -27.69 -13.69
C VAL B 87 24.78 -27.96 -14.77
N ALA B 88 24.52 -28.96 -15.62
CA ALA B 88 25.47 -29.33 -16.67
C ALA B 88 25.63 -28.20 -17.68
N LEU B 89 24.53 -27.56 -18.08
CA LEU B 89 24.58 -26.48 -19.05
C LEU B 89 25.30 -25.26 -18.48
N GLY B 90 25.05 -24.94 -17.22
CA GLY B 90 25.78 -23.84 -16.59
C GLY B 90 27.27 -24.10 -16.52
N LEU B 91 27.65 -25.33 -16.12
CA LEU B 91 29.07 -25.68 -16.07
C LEU B 91 29.70 -25.63 -17.45
N GLY B 92 29.00 -26.13 -18.47
CA GLY B 92 29.54 -26.12 -19.81
C GLY B 92 29.71 -24.72 -20.38
N VAL B 93 28.72 -23.86 -20.16
CA VAL B 93 28.81 -22.49 -20.67
C VAL B 93 29.89 -21.72 -19.92
N SER B 94 29.98 -21.89 -18.61
CA SER B 94 31.00 -21.19 -17.84
C SER B 94 32.40 -21.66 -18.22
N GLY B 95 32.58 -22.97 -18.42
CA GLY B 95 33.88 -23.48 -18.81
C GLY B 95 34.31 -23.03 -20.20
N ALA B 96 33.38 -23.07 -21.16
CA ALA B 96 33.65 -22.69 -22.54
C ALA B 96 33.21 -21.27 -22.85
N GLY B 97 33.27 -20.37 -21.87
CA GLY B 97 32.81 -19.01 -22.05
C GLY B 97 32.32 -18.39 -20.77
N GLY B 98 31.08 -17.89 -20.78
CA GLY B 98 30.49 -17.29 -19.60
C GLY B 98 29.87 -15.94 -19.89
N ALA B 99 29.92 -15.03 -18.93
CA ALA B 99 29.39 -13.69 -19.12
C ALA B 99 30.25 -12.84 -20.03
N LEU B 100 31.45 -13.30 -20.39
CA LEU B 100 32.38 -12.53 -21.21
C LEU B 100 32.35 -12.92 -22.68
N ALA B 101 32.31 -14.23 -22.98
CA ALA B 101 32.29 -14.67 -24.37
C ALA B 101 31.01 -14.23 -25.06
N LEU B 102 29.89 -14.32 -24.37
CA LEU B 102 28.59 -13.84 -24.88
C LEU B 102 28.22 -12.56 -24.14
N GLY B 103 27.60 -11.63 -24.86
CA GLY B 103 27.33 -10.31 -24.35
C GLY B 103 26.23 -10.28 -23.31
N PRO B 104 26.01 -9.11 -22.71
CA PRO B 104 24.92 -8.98 -21.73
C PRO B 104 23.55 -9.24 -22.32
N GLU B 105 23.33 -8.87 -23.58
CA GLU B 105 22.04 -9.16 -24.22
C GLU B 105 21.85 -10.66 -24.38
N ARG B 106 22.91 -11.38 -24.76
CA ARG B 106 22.81 -12.84 -24.87
C ARG B 106 22.62 -13.47 -23.50
N LEU B 107 23.24 -12.91 -22.46
CA LEU B 107 23.03 -13.42 -21.10
C LEU B 107 21.59 -13.23 -20.66
N SER B 108 21.00 -12.06 -20.95
CA SER B 108 19.61 -11.82 -20.60
C SER B 108 18.68 -12.76 -21.36
N ALA B 109 18.95 -12.97 -22.65
CA ALA B 109 18.14 -13.90 -23.43
C ALA B 109 18.30 -15.34 -22.93
N PHE B 110 19.48 -15.68 -22.43
CA PHE B 110 19.73 -17.02 -21.91
C PHE B 110 19.00 -17.25 -20.59
N VAL B 111 18.99 -16.23 -19.72
CA VAL B 111 18.38 -16.38 -18.40
C VAL B 111 16.90 -16.00 -18.37
N PHE B 112 16.35 -15.52 -19.48
CA PHE B 112 14.95 -15.09 -19.49
C PHE B 112 13.92 -16.17 -19.13
N PRO B 113 14.01 -17.43 -19.60
CA PRO B 113 12.94 -18.39 -19.25
C PRO B 113 12.78 -18.61 -17.76
N GLY B 114 13.87 -18.59 -16.99
CA GLY B 114 13.74 -18.69 -15.55
C GLY B 114 13.02 -17.50 -14.94
N GLU B 115 13.31 -16.29 -15.44
CA GLU B 115 12.58 -15.11 -15.01
C GLU B 115 11.11 -15.21 -15.37
N LEU B 116 10.81 -15.79 -16.53
CA LEU B 116 9.42 -15.99 -16.93
C LEU B 116 8.70 -16.94 -15.99
N LEU B 117 9.37 -18.03 -15.60
CA LEU B 117 8.77 -18.95 -14.62
C LEU B 117 8.56 -18.25 -13.28
N LEU B 118 9.52 -17.45 -12.85
CA LEU B 118 9.39 -16.75 -11.57
C LEU B 118 8.24 -15.76 -11.61
N ARG B 119 8.07 -15.04 -12.73
CA ARG B 119 6.96 -14.12 -12.88
C ARG B 119 5.62 -14.86 -12.91
N LEU B 120 5.58 -16.01 -13.58
CA LEU B 120 4.36 -16.81 -13.61
C LEU B 120 3.96 -17.28 -12.22
N LEU B 121 4.96 -17.71 -11.43
CA LEU B 121 4.66 -18.14 -10.07
C LEU B 121 4.27 -16.97 -9.18
N ARG B 122 4.88 -15.80 -9.40
CA ARG B 122 4.57 -14.64 -8.57
C ARG B 122 3.20 -14.04 -8.90
N MET B 123 2.72 -14.24 -10.13
CA MET B 123 1.40 -13.73 -10.50
C MET B 123 0.30 -14.45 -9.73
N ILE B 124 0.53 -15.71 -9.35
CA ILE B 124 -0.52 -16.54 -8.76
C ILE B 124 -0.63 -16.36 -7.24
N ILE B 125 0.40 -15.82 -6.60
CA ILE B 125 0.51 -15.88 -5.14
C ILE B 125 -0.67 -15.16 -4.47
N LEU B 126 -0.96 -13.94 -4.91
CA LEU B 126 -1.94 -13.11 -4.19
C LEU B 126 -3.35 -13.70 -4.21
N PRO B 127 -3.98 -13.97 -5.36
CA PRO B 127 -5.35 -14.52 -5.30
C PRO B 127 -5.42 -15.88 -4.65
N LEU B 128 -4.40 -16.72 -4.87
CA LEU B 128 -4.38 -18.05 -4.26
C LEU B 128 -4.35 -17.95 -2.74
N VAL B 129 -3.42 -17.16 -2.20
CA VAL B 129 -3.31 -17.03 -0.74
C VAL B 129 -4.60 -16.43 -0.17
N VAL B 130 -5.12 -15.37 -0.79
CA VAL B 130 -6.30 -14.71 -0.24
C VAL B 130 -7.50 -15.65 -0.23
N CYS B 131 -7.79 -16.28 -1.36
CA CYS B 131 -8.97 -17.14 -1.46
C CYS B 131 -8.81 -18.39 -0.59
N SER B 132 -7.62 -19.00 -0.59
CA SER B 132 -7.42 -20.22 0.20
C SER B 132 -7.56 -19.93 1.68
N LEU B 133 -6.99 -18.82 2.17
CA LEU B 133 -7.09 -18.52 3.60
C LEU B 133 -8.51 -18.12 3.97
N ILE B 134 -9.22 -17.40 3.09
CA ILE B 134 -10.61 -17.05 3.39
C ILE B 134 -11.45 -18.31 3.51
N GLY B 135 -11.30 -19.24 2.56
CA GLY B 135 -12.06 -20.48 2.63
C GLY B 135 -11.69 -21.32 3.83
N GLY B 136 -10.39 -21.43 4.14
CA GLY B 136 -9.98 -22.24 5.28
C GLY B 136 -10.44 -21.66 6.60
N ALA B 137 -10.40 -20.34 6.76
CA ALA B 137 -10.87 -19.72 7.99
C ALA B 137 -12.40 -19.81 8.10
N ALA B 138 -13.11 -19.74 6.98
CA ALA B 138 -14.56 -19.82 7.02
C ALA B 138 -15.09 -21.25 7.07
N SER B 139 -14.25 -22.24 6.85
CA SER B 139 -14.69 -23.63 6.84
C SER B 139 -14.54 -24.33 8.18
N LEU B 140 -14.04 -23.64 9.22
CA LEU B 140 -13.80 -24.27 10.51
C LEU B 140 -14.30 -23.35 11.61
N ASP B 141 -14.75 -23.97 12.71
CA ASP B 141 -15.26 -23.23 13.85
C ASP B 141 -14.18 -22.33 14.45
N PRO B 142 -14.55 -21.17 14.99
CA PRO B 142 -13.53 -20.26 15.55
C PRO B 142 -12.71 -20.88 16.67
N GLY B 143 -13.33 -21.66 17.55
CA GLY B 143 -12.57 -22.33 18.59
C GLY B 143 -11.63 -23.39 18.04
N ALA B 144 -12.13 -24.21 17.11
CA ALA B 144 -11.27 -25.22 16.49
C ALA B 144 -10.16 -24.58 15.67
N LEU B 145 -10.48 -23.49 14.97
CA LEU B 145 -9.45 -22.77 14.21
C LEU B 145 -8.40 -22.18 15.15
N GLY B 146 -8.83 -21.64 16.29
CA GLY B 146 -7.87 -21.10 17.25
C GLY B 146 -6.97 -22.17 17.84
N ARG B 147 -7.53 -23.33 18.18
CA ARG B 147 -6.73 -24.42 18.70
C ARG B 147 -5.74 -24.93 17.65
N LEU B 148 -6.20 -25.08 16.41
CA LEU B 148 -5.33 -25.54 15.33
C LEU B 148 -4.21 -24.54 15.08
N GLY B 149 -4.53 -23.24 15.10
CA GLY B 149 -3.50 -22.23 14.94
C GLY B 149 -2.50 -22.22 16.08
N ALA B 150 -2.98 -22.43 17.31
CA ALA B 150 -2.07 -22.49 18.45
C ALA B 150 -1.11 -23.67 18.31
N TRP B 151 -1.63 -24.84 17.92
CA TRP B 151 -0.76 -25.99 17.70
C TRP B 151 0.23 -25.74 16.57
N ALA B 152 -0.23 -25.10 15.48
CA ALA B 152 0.65 -24.82 14.35
C ALA B 152 1.77 -23.86 14.73
N LEU B 153 1.45 -22.80 15.47
CA LEU B 153 2.49 -21.87 15.93
C LEU B 153 3.43 -22.55 16.91
N LEU B 154 2.93 -23.41 17.79
CA LEU B 154 3.81 -24.13 18.69
C LEU B 154 4.80 -24.98 17.91
N PHE B 155 4.33 -25.70 16.89
CA PHE B 155 5.22 -26.50 16.05
C PHE B 155 6.22 -25.62 15.32
N PHE B 156 5.76 -24.48 14.80
CA PHE B 156 6.64 -23.60 14.03
C PHE B 156 7.77 -23.04 14.89
N LEU B 157 7.44 -22.54 16.08
CA LEU B 157 8.49 -22.03 16.96
C LEU B 157 9.39 -23.13 17.49
N VAL B 158 8.85 -24.33 17.75
CA VAL B 158 9.71 -25.42 18.20
C VAL B 158 10.72 -25.78 17.11
N THR B 159 10.26 -25.87 15.86
CA THR B 159 11.18 -26.17 14.76
C THR B 159 12.19 -25.04 14.57
N THR B 160 11.76 -23.79 14.72
CA THR B 160 12.68 -22.67 14.56
C THR B 160 13.76 -22.68 15.63
N LEU B 161 13.39 -22.93 16.89
CA LEU B 161 14.40 -23.04 17.95
C LEU B 161 15.35 -24.20 17.68
N LEU B 162 14.82 -25.35 17.24
CA LEU B 162 15.69 -26.49 16.97
C LEU B 162 16.69 -26.18 15.86
N ALA B 163 16.21 -25.56 14.77
CA ALA B 163 17.10 -25.21 13.67
C ALA B 163 18.15 -24.18 14.09
N SER B 164 17.72 -23.16 14.85
CA SER B 164 18.67 -22.15 15.31
C SER B 164 19.73 -22.74 16.24
N ALA B 165 19.31 -23.61 17.16
CA ALA B 165 20.26 -24.24 18.07
C ALA B 165 21.24 -25.14 17.31
N LEU B 166 20.73 -25.90 16.33
CA LEU B 166 21.61 -26.73 15.53
C LEU B 166 22.63 -25.90 14.75
N GLY B 167 22.17 -24.78 14.16
CA GLY B 167 23.09 -23.92 13.44
C GLY B 167 24.16 -23.31 14.33
N VAL B 168 23.76 -22.83 15.51
CA VAL B 168 24.73 -22.26 16.44
C VAL B 168 25.73 -23.32 16.91
N GLY B 169 25.23 -24.53 17.20
CA GLY B 169 26.13 -25.59 17.63
C GLY B 169 27.13 -25.99 16.56
N LEU B 170 26.66 -26.11 15.31
CA LEU B 170 27.58 -26.46 14.23
C LEU B 170 28.59 -25.35 13.96
N ALA B 171 28.15 -24.08 14.02
CA ALA B 171 29.06 -22.97 13.80
C ALA B 171 30.09 -22.86 14.92
N LEU B 172 29.72 -23.21 16.15
CA LEU B 172 30.69 -23.22 17.23
C LEU B 172 31.62 -24.42 17.15
N ALA B 173 31.14 -25.55 16.65
CA ALA B 173 31.95 -26.75 16.58
C ALA B 173 32.98 -26.69 15.45
N LEU B 174 32.59 -26.16 14.29
CA LEU B 174 33.47 -26.21 13.13
C LEU B 174 34.33 -24.96 12.95
N GLN B 175 33.98 -23.85 13.60
CA GLN B 175 34.75 -22.60 13.60
C GLN B 175 34.98 -22.08 12.18
N PRO B 176 33.95 -21.61 11.49
CA PRO B 176 34.16 -21.07 10.13
C PRO B 176 35.06 -19.84 10.09
N GLY B 177 34.99 -18.98 11.12
CA GLY B 177 35.75 -17.74 11.11
C GLY B 177 37.03 -17.79 11.92
N ALA B 178 37.52 -19.00 12.19
CA ALA B 178 38.74 -19.14 12.98
C ALA B 178 39.95 -18.60 12.24
N ALA B 179 40.12 -19.00 10.97
CA ALA B 179 41.26 -18.53 10.19
C ALA B 179 41.12 -17.05 9.84
N SER B 180 39.95 -16.65 9.37
CA SER B 180 39.60 -15.27 9.01
C SER B 180 40.46 -14.70 7.89
N ALA B 181 41.28 -15.53 7.24
CA ALA B 181 42.15 -15.12 6.13
C ALA B 181 43.03 -13.93 6.52
N ALA B 182 42.71 -12.76 5.97
CA ALA B 182 43.41 -11.51 6.24
C ALA B 182 42.41 -10.39 6.49
N ILE B 183 41.43 -10.68 7.36
CA ILE B 183 40.32 -9.78 7.71
C ILE B 183 39.49 -9.51 6.47
N ASN B 184 40.05 -8.74 5.52
CA ASN B 184 39.45 -8.49 4.21
C ASN B 184 38.08 -7.82 4.34
N ALA B 185 38.09 -6.64 4.95
CA ALA B 185 36.87 -5.87 5.12
C ALA B 185 36.65 -4.93 3.93
N SER B 192 37.69 1.36 3.75
CA SER B 192 36.50 0.57 4.08
C SER B 192 35.23 1.25 3.60
N ALA B 193 35.40 2.28 2.77
CA ALA B 193 34.30 3.09 2.22
C ALA B 193 33.52 3.67 3.39
N GLU B 194 32.21 3.44 3.50
CA GLU B 194 31.40 3.95 4.58
C GLU B 194 30.68 2.79 5.27
N ASN B 195 29.84 3.13 6.25
CA ASN B 195 29.08 2.16 7.01
C ASN B 195 27.61 2.28 6.60
N ALA B 196 27.01 1.14 6.25
CA ALA B 196 25.61 1.14 5.84
C ALA B 196 24.71 1.49 7.02
N PRO B 197 23.62 2.22 6.77
CA PRO B 197 22.69 2.54 7.86
C PRO B 197 22.03 1.28 8.41
N SER B 198 21.78 1.30 9.72
CA SER B 198 21.19 0.18 10.42
C SER B 198 19.76 0.50 10.84
N LYS B 199 19.00 -0.55 11.12
CA LYS B 199 17.62 -0.44 11.56
C LYS B 199 17.51 -0.94 12.99
N GLU B 200 16.90 -0.13 13.85
CA GLU B 200 16.79 -0.48 15.26
C GLU B 200 15.86 -1.68 15.45
N VAL B 201 16.10 -2.42 16.54
CA VAL B 201 15.31 -3.62 16.82
C VAL B 201 13.87 -3.25 17.11
N LEU B 202 13.66 -2.23 17.94
CA LEU B 202 12.32 -1.78 18.25
C LEU B 202 11.61 -1.27 16.99
N ASP B 203 12.35 -0.58 16.13
CA ASP B 203 11.76 -0.12 14.86
C ASP B 203 11.37 -1.30 13.98
N SER B 204 12.17 -2.38 13.98
CA SER B 204 11.83 -3.55 13.19
C SER B 204 10.58 -4.24 13.73
N PHE B 205 10.45 -4.34 15.05
CA PHE B 205 9.26 -4.96 15.62
C PHE B 205 8.02 -4.09 15.38
N LEU B 206 8.17 -2.76 15.46
CA LEU B 206 7.06 -1.88 15.12
C LEU B 206 6.70 -1.99 13.64
N ASP B 207 7.69 -2.19 12.78
CA ASP B 207 7.43 -2.42 11.36
C ASP B 207 6.64 -3.71 11.15
N LEU B 208 7.00 -4.77 11.87
CA LEU B 208 6.25 -6.01 11.78
C LEU B 208 4.81 -5.82 12.24
N ALA B 209 4.62 -5.12 13.36
CA ALA B 209 3.27 -4.89 13.87
C ALA B 209 2.47 -3.99 12.94
N ARG B 210 3.14 -3.08 12.22
CA ARG B 210 2.45 -2.23 11.25
C ARG B 210 2.09 -3.01 9.99
N ASN B 211 2.97 -3.93 9.57
CA ASN B 211 2.66 -4.77 8.42
C ASN B 211 1.49 -5.70 8.72
N ILE B 212 1.37 -6.16 9.96
CA ILE B 212 0.11 -6.74 10.40
C ILE B 212 -0.95 -5.64 10.41
N PHE B 213 -2.14 -5.97 9.88
CA PHE B 213 -3.23 -5.02 9.67
C PHE B 213 -2.76 -3.87 8.77
N PRO B 214 -2.58 -4.13 7.47
CA PRO B 214 -2.10 -3.06 6.58
C PRO B 214 -3.13 -1.94 6.45
N SER B 215 -2.60 -0.72 6.29
CA SER B 215 -3.48 0.45 6.25
C SER B 215 -4.35 0.48 5.00
N ASN B 216 -3.81 0.07 3.86
CA ASN B 216 -4.54 0.05 2.61
C ASN B 216 -4.49 -1.35 2.02
N LEU B 217 -5.66 -1.92 1.73
CA LEU B 217 -5.73 -3.28 1.23
C LEU B 217 -5.19 -3.39 -0.19
N VAL B 218 -5.53 -2.42 -1.05
CA VAL B 218 -5.05 -2.47 -2.42
C VAL B 218 -3.55 -2.18 -2.48
N SER B 219 -3.09 -1.22 -1.68
CA SER B 219 -1.67 -0.88 -1.67
C SER B 219 -0.82 -2.02 -1.09
N ALA B 220 -1.38 -2.81 -0.19
CA ALA B 220 -0.67 -3.95 0.37
C ALA B 220 -0.45 -5.07 -0.63
N ALA B 221 -1.16 -5.06 -1.76
CA ALA B 221 -1.00 -6.10 -2.76
C ALA B 221 0.32 -5.99 -3.50
N PHE B 222 0.98 -4.83 -3.47
CA PHE B 222 2.23 -4.66 -4.19
C PHE B 222 3.30 -3.88 -3.44
N ARG B 223 3.01 -3.35 -2.26
CA ARG B 223 4.01 -2.60 -1.51
C ARG B 223 3.75 -2.75 -0.02
N SER B 224 4.82 -2.59 0.77
CA SER B 224 4.79 -2.86 2.20
C SER B 224 5.49 -1.74 2.95
N TYR B 225 5.13 -1.60 4.23
CA TYR B 225 5.67 -0.54 5.07
C TYR B 225 7.04 -0.91 5.60
N SER B 226 7.94 0.08 5.63
CA SER B 226 9.26 -0.08 6.21
C SER B 226 9.74 1.27 6.71
N THR B 227 10.34 1.29 7.90
CA THR B 227 10.80 2.54 8.49
C THR B 227 12.20 2.87 7.99
N THR B 228 12.42 4.14 7.68
CA THR B 228 13.71 4.68 7.28
C THR B 228 14.16 5.69 8.32
N TYR B 229 15.31 6.32 8.08
CA TYR B 229 15.87 7.28 9.01
C TYR B 229 16.34 8.50 8.26
N GLU B 230 16.37 9.63 8.96
CA GLU B 230 16.80 10.92 8.42
C GLU B 230 17.99 11.38 9.24
N GLU B 231 19.19 11.12 8.72
CA GLU B 231 20.43 11.44 9.42
C GLU B 231 20.63 12.95 9.39
N ARG B 232 20.31 13.62 10.50
CA ARG B 232 20.40 15.05 10.62
C ARG B 232 21.54 15.44 11.56
N ASN B 233 22.19 16.56 11.24
CA ASN B 233 23.24 17.15 12.06
C ASN B 233 24.40 16.17 12.27
N ILE B 234 25.09 15.87 11.16
CA ILE B 234 26.21 14.94 11.20
C ILE B 234 27.31 15.47 12.11
N THR B 235 27.65 16.75 11.96
CA THR B 235 28.57 17.41 12.87
C THR B 235 27.87 17.91 14.13
N GLY B 236 26.54 17.96 14.11
CA GLY B 236 25.76 18.59 15.16
C GLY B 236 25.02 17.66 16.10
N THR B 237 25.70 16.62 16.60
CA THR B 237 25.12 15.64 17.53
C THR B 237 23.93 14.92 16.90
N ARG B 238 24.28 14.06 15.93
CA ARG B 238 23.35 13.21 15.19
C ARG B 238 22.23 12.66 16.05
N VAL B 239 21.01 12.70 15.52
CA VAL B 239 19.83 12.26 16.26
C VAL B 239 19.20 11.04 15.60
N LYS B 240 19.35 10.93 14.27
CA LYS B 240 18.81 9.83 13.48
C LYS B 240 17.29 9.69 13.67
N VAL B 241 16.59 10.72 13.22
CA VAL B 241 15.12 10.75 13.35
C VAL B 241 14.53 9.69 12.42
N PRO B 242 13.66 8.81 12.93
CA PRO B 242 13.06 7.79 12.07
C PRO B 242 11.80 8.25 11.36
N VAL B 243 11.75 8.08 10.05
CA VAL B 243 10.56 8.37 9.25
C VAL B 243 10.23 7.14 8.41
N GLY B 244 8.95 6.76 8.40
CA GLY B 244 8.53 5.55 7.71
C GLY B 244 7.80 5.84 6.41
N GLN B 245 7.80 4.83 5.53
CA GLN B 245 7.11 4.93 4.25
C GLN B 245 6.82 3.53 3.74
N GLU B 246 5.93 3.46 2.76
CA GLU B 246 5.58 2.19 2.13
C GLU B 246 6.50 1.97 0.93
N VAL B 247 7.27 0.88 0.96
CA VAL B 247 8.25 0.60 -0.07
C VAL B 247 7.79 -0.63 -0.87
N GLU B 248 8.45 -0.85 -2.01
CA GLU B 248 8.05 -1.91 -2.92
C GLU B 248 8.27 -3.28 -2.28
N GLY B 249 7.34 -4.19 -2.55
CA GLY B 249 7.40 -5.53 -2.00
C GLY B 249 6.08 -5.97 -1.42
N MET B 250 5.57 -7.12 -1.87
CA MET B 250 4.25 -7.58 -1.46
C MET B 250 4.17 -7.80 0.04
N ASN B 251 3.08 -7.32 0.64
CA ASN B 251 2.82 -7.49 2.07
C ASN B 251 2.03 -8.77 2.25
N ILE B 252 2.73 -9.89 2.36
CA ILE B 252 2.08 -11.18 2.46
C ILE B 252 1.40 -11.34 3.81
N LEU B 253 2.07 -10.94 4.90
CA LEU B 253 1.57 -11.19 6.24
C LEU B 253 0.26 -10.45 6.50
N GLY B 254 0.17 -9.19 6.08
CA GLY B 254 -1.05 -8.43 6.28
C GLY B 254 -2.22 -9.01 5.51
N LEU B 255 -1.98 -9.44 4.27
CA LEU B 255 -3.02 -10.09 3.49
C LEU B 255 -3.46 -11.40 4.12
N VAL B 256 -2.52 -12.16 4.67
CA VAL B 256 -2.84 -13.41 5.35
C VAL B 256 -3.74 -13.15 6.55
N VAL B 257 -3.37 -12.16 7.37
CA VAL B 257 -4.14 -11.84 8.57
C VAL B 257 -5.54 -11.35 8.19
N PHE B 258 -5.62 -10.47 7.19
CA PHE B 258 -6.93 -9.98 6.77
C PHE B 258 -7.79 -11.08 6.20
N ALA B 259 -7.19 -12.02 5.45
CA ALA B 259 -7.96 -13.13 4.90
C ALA B 259 -8.49 -14.04 6.01
N ILE B 260 -7.68 -14.30 7.04
CA ILE B 260 -8.15 -15.15 8.14
C ILE B 260 -9.29 -14.47 8.88
N VAL B 261 -9.14 -13.17 9.17
CA VAL B 261 -10.18 -12.45 9.89
C VAL B 261 -11.46 -12.38 9.05
N PHE B 262 -11.32 -12.14 7.75
CA PHE B 262 -12.49 -12.09 6.88
C PHE B 262 -13.17 -13.44 6.79
N GLY B 263 -12.40 -14.53 6.80
CA GLY B 263 -13.00 -15.85 6.78
C GLY B 263 -13.78 -16.16 8.04
N VAL B 264 -13.22 -15.84 9.21
CA VAL B 264 -13.98 -16.11 10.43
C VAL B 264 -15.21 -15.21 10.52
N ALA B 265 -15.12 -13.96 10.03
CA ALA B 265 -16.30 -13.10 9.99
C ALA B 265 -17.34 -13.66 9.02
N LEU B 266 -16.90 -14.21 7.89
CA LEU B 266 -17.82 -14.79 6.93
C LEU B 266 -18.55 -15.99 7.50
N ARG B 267 -17.83 -16.84 8.25
CA ARG B 267 -18.50 -17.95 8.91
C ARG B 267 -19.48 -17.45 9.96
N LYS B 268 -19.13 -16.38 10.68
CA LYS B 268 -20.03 -15.84 11.68
C LYS B 268 -21.32 -15.28 11.07
N LEU B 269 -21.30 -14.93 9.78
CA LEU B 269 -22.46 -14.29 9.17
C LEU B 269 -23.60 -15.27 8.94
N GLY B 270 -23.39 -16.26 8.07
CA GLY B 270 -24.42 -17.21 7.73
C GLY B 270 -24.58 -17.41 6.24
N PRO B 271 -25.81 -17.37 5.74
CA PRO B 271 -26.05 -17.61 4.29
C PRO B 271 -25.33 -16.62 3.38
N GLU B 272 -25.23 -15.36 3.79
CA GLU B 272 -24.40 -14.41 3.05
C GLU B 272 -22.95 -14.86 3.04
N GLY B 273 -22.47 -15.31 4.19
CA GLY B 273 -21.16 -15.93 4.25
C GLY B 273 -21.07 -17.17 3.38
N GLU B 274 -22.16 -17.93 3.26
CA GLU B 274 -22.16 -19.10 2.38
C GLU B 274 -21.96 -18.69 0.92
N LEU B 275 -22.65 -17.63 0.48
CA LEU B 275 -22.48 -17.16 -0.88
C LEU B 275 -21.05 -16.69 -1.13
N LEU B 276 -20.50 -15.92 -0.19
CA LEU B 276 -19.12 -15.45 -0.37
C LEU B 276 -18.12 -16.61 -0.31
N ILE B 277 -18.41 -17.63 0.50
CA ILE B 277 -17.56 -18.81 0.56
C ILE B 277 -17.56 -19.53 -0.78
N ARG B 278 -18.74 -19.68 -1.39
CA ARG B 278 -18.82 -20.32 -2.70
C ARG B 278 -18.03 -19.51 -3.74
N PHE B 279 -18.17 -18.19 -3.71
CA PHE B 279 -17.41 -17.33 -4.62
C PHE B 279 -15.91 -17.55 -4.48
N PHE B 280 -15.39 -17.47 -3.25
CA PHE B 280 -13.96 -17.58 -3.05
C PHE B 280 -13.46 -19.00 -3.32
N ASN B 281 -14.26 -20.02 -3.04
CA ASN B 281 -13.86 -21.39 -3.34
C ASN B 281 -13.76 -21.62 -4.84
N SER B 282 -14.71 -21.10 -5.61
CA SER B 282 -14.63 -21.21 -7.06
C SER B 282 -13.41 -20.47 -7.61
N PHE B 283 -13.14 -19.29 -7.05
CA PHE B 283 -11.94 -18.55 -7.47
C PHE B 283 -10.67 -19.35 -7.16
N ASN B 284 -10.62 -19.99 -5.99
CA ASN B 284 -9.47 -20.81 -5.61
C ASN B 284 -9.32 -22.01 -6.56
N GLU B 285 -10.43 -22.64 -6.94
CA GLU B 285 -10.35 -23.77 -7.86
C GLU B 285 -9.82 -23.34 -9.23
N ALA B 286 -10.29 -22.19 -9.73
CA ALA B 286 -9.75 -21.69 -11.00
C ALA B 286 -8.27 -21.37 -10.88
N THR B 287 -7.86 -20.79 -9.75
CA THR B 287 -6.44 -20.51 -9.53
C THR B 287 -5.63 -21.80 -9.50
N MET B 288 -6.18 -22.86 -8.91
CA MET B 288 -5.52 -24.17 -8.95
C MET B 288 -5.40 -24.72 -10.35
N VAL B 289 -6.39 -24.46 -11.21
CA VAL B 289 -6.27 -24.89 -12.61
C VAL B 289 -5.11 -24.16 -13.28
N LEU B 290 -4.99 -22.84 -13.02
CA LEU B 290 -3.83 -22.10 -13.53
C LEU B 290 -2.52 -22.66 -12.99
N VAL B 291 -2.50 -23.05 -11.71
CA VAL B 291 -1.29 -23.64 -11.12
C VAL B 291 -0.94 -24.95 -11.83
N SER B 292 -1.96 -25.76 -12.13
CA SER B 292 -1.72 -27.01 -12.85
C SER B 292 -1.12 -26.74 -14.22
N TRP B 293 -1.59 -25.70 -14.90
CA TRP B 293 -1.02 -25.37 -16.20
C TRP B 293 0.43 -24.89 -16.08
N ILE B 294 0.73 -24.07 -15.07
CA ILE B 294 2.08 -23.52 -14.92
C ILE B 294 3.08 -24.60 -14.50
N MET B 295 2.63 -25.58 -13.71
CA MET B 295 3.52 -26.62 -13.18
C MET B 295 4.17 -27.43 -14.29
N TRP B 296 3.54 -27.52 -15.47
CA TRP B 296 4.16 -28.26 -16.57
C TRP B 296 5.30 -27.47 -17.22
N TYR B 297 5.17 -26.14 -17.29
CA TYR B 297 6.27 -25.32 -17.79
C TYR B 297 7.38 -25.18 -16.76
N ALA B 298 7.08 -25.41 -15.48
CA ALA B 298 8.06 -25.19 -14.41
C ALA B 298 9.42 -25.84 -14.60
N PRO B 299 9.56 -27.09 -15.08
CA PRO B 299 10.92 -27.67 -15.21
C PRO B 299 11.86 -26.87 -16.12
N VAL B 300 11.37 -26.34 -17.24
CA VAL B 300 12.25 -25.57 -18.13
C VAL B 300 12.72 -24.30 -17.44
N GLY B 301 11.83 -23.61 -16.73
CA GLY B 301 12.24 -22.44 -15.98
C GLY B 301 13.24 -22.76 -14.89
N ILE B 302 13.06 -23.89 -14.21
CA ILE B 302 14.02 -24.32 -13.19
C ILE B 302 15.39 -24.57 -13.81
N MET B 303 15.41 -25.26 -14.95
CA MET B 303 16.65 -25.54 -15.65
C MET B 303 17.38 -24.25 -16.02
N PHE B 304 16.64 -23.29 -16.59
CA PHE B 304 17.28 -22.06 -17.02
C PHE B 304 17.68 -21.19 -15.85
N LEU B 305 16.92 -21.19 -14.74
CA LEU B 305 17.34 -20.51 -13.53
C LEU B 305 18.68 -21.05 -13.04
N VAL B 306 18.78 -22.37 -12.91
CA VAL B 306 20.01 -22.97 -12.41
C VAL B 306 21.18 -22.67 -13.33
N ALA B 307 20.97 -22.84 -14.65
CA ALA B 307 22.05 -22.61 -15.61
C ALA B 307 22.51 -21.16 -15.60
N GLY B 308 21.57 -20.22 -15.63
CA GLY B 308 21.94 -18.81 -15.65
C GLY B 308 22.61 -18.36 -14.36
N LYS B 309 22.14 -18.87 -13.21
CA LYS B 309 22.74 -18.48 -11.95
C LYS B 309 24.14 -19.07 -11.81
N ILE B 310 24.36 -20.27 -12.35
CA ILE B 310 25.72 -20.82 -12.36
C ILE B 310 26.63 -20.02 -13.28
N VAL B 311 26.13 -19.67 -14.48
CA VAL B 311 26.94 -18.96 -15.46
C VAL B 311 27.32 -17.57 -14.96
N GLU B 312 26.36 -16.84 -14.39
CA GLU B 312 26.60 -15.46 -13.98
C GLU B 312 27.66 -15.38 -12.89
N MET B 313 27.60 -16.27 -11.91
CA MET B 313 28.56 -16.27 -10.82
C MET B 313 29.93 -16.72 -11.32
N GLU B 314 30.98 -16.05 -10.84
CA GLU B 314 32.32 -16.10 -11.43
C GLU B 314 33.25 -16.92 -10.55
N ASP B 315 34.33 -17.40 -11.18
CA ASP B 315 35.51 -18.05 -10.57
C ASP B 315 35.14 -19.00 -9.43
N VAL B 316 34.43 -20.07 -9.82
CA VAL B 316 34.07 -21.12 -8.88
C VAL B 316 35.33 -21.73 -8.25
N GLY B 317 35.19 -22.25 -7.05
CA GLY B 317 36.32 -22.84 -6.33
C GLY B 317 37.26 -21.85 -5.69
N LEU B 318 37.66 -20.81 -6.44
CA LEU B 318 38.52 -19.77 -5.87
C LEU B 318 37.80 -19.05 -4.73
N LEU B 319 36.51 -18.78 -4.90
CA LEU B 319 35.73 -18.19 -3.82
C LEU B 319 35.55 -19.18 -2.66
N PHE B 320 35.39 -20.46 -2.97
CA PHE B 320 35.10 -21.47 -1.96
C PHE B 320 36.32 -21.88 -1.14
N ALA B 321 37.54 -21.63 -1.64
CA ALA B 321 38.74 -22.18 -1.02
C ALA B 321 38.89 -21.76 0.45
N ARG B 322 38.34 -20.60 0.84
CA ARG B 322 38.34 -20.19 2.24
C ARG B 322 36.95 -20.06 2.84
N LEU B 323 35.90 -20.05 2.03
CA LEU B 323 34.53 -20.04 2.52
C LEU B 323 33.96 -21.44 2.69
N GLY B 324 34.79 -22.47 2.48
CA GLY B 324 34.32 -23.84 2.57
C GLY B 324 33.79 -24.20 3.95
N LYS B 325 34.42 -23.68 5.00
CA LYS B 325 33.94 -23.97 6.36
C LYS B 325 32.54 -23.41 6.57
N TYR B 326 32.31 -22.16 6.14
CA TYR B 326 31.01 -21.54 6.29
C TYR B 326 29.95 -22.24 5.45
N ILE B 327 30.30 -22.58 4.20
CA ILE B 327 29.37 -23.29 3.33
C ILE B 327 29.04 -24.65 3.88
N LEU B 328 30.05 -25.37 4.38
CA LEU B 328 29.84 -26.68 4.98
C LEU B 328 28.94 -26.59 6.20
N CYS B 329 29.16 -25.59 7.05
CA CYS B 329 28.30 -25.40 8.22
C CYS B 329 26.85 -25.18 7.80
N CYS B 330 26.62 -24.26 6.85
CA CYS B 330 25.27 -23.93 6.44
C CYS B 330 24.56 -25.14 5.82
N LEU B 331 25.19 -25.76 4.83
CA LEU B 331 24.56 -26.88 4.14
C LEU B 331 24.44 -28.11 5.03
N LEU B 332 25.42 -28.36 5.90
CA LEU B 332 25.31 -29.49 6.82
C LEU B 332 24.18 -29.28 7.82
N GLY B 333 24.03 -28.07 8.34
CA GLY B 333 22.90 -27.79 9.21
C GLY B 333 21.57 -27.97 8.51
N HIS B 334 21.48 -27.48 7.26
CA HIS B 334 20.24 -27.65 6.51
C HIS B 334 19.94 -29.12 6.26
N ALA B 335 20.95 -29.90 5.88
CA ALA B 335 20.75 -31.32 5.61
C ALA B 335 20.37 -32.08 6.87
N ILE B 336 21.00 -31.77 8.00
CA ILE B 336 20.67 -32.45 9.25
C ILE B 336 19.26 -32.10 9.70
N HIS B 337 18.87 -30.83 9.56
CA HIS B 337 17.52 -30.45 9.95
C HIS B 337 16.47 -31.04 9.01
N GLY B 338 16.79 -31.20 7.73
CA GLY B 338 15.84 -31.73 6.77
C GLY B 338 15.81 -33.23 6.62
N LEU B 339 16.79 -33.95 7.16
CA LEU B 339 16.85 -35.40 7.02
C LEU B 339 16.89 -36.14 8.35
N LEU B 340 17.07 -35.45 9.48
CA LEU B 340 17.18 -36.11 10.77
C LEU B 340 16.32 -35.51 11.88
N VAL B 341 15.83 -34.28 11.72
CA VAL B 341 15.05 -33.65 12.78
C VAL B 341 13.57 -33.67 12.42
N LEU B 342 13.22 -33.02 11.30
CA LEU B 342 11.82 -33.02 10.86
C LEU B 342 11.30 -34.40 10.52
N PRO B 343 12.02 -35.26 9.78
CA PRO B 343 11.53 -36.65 9.63
C PRO B 343 11.39 -37.38 10.95
N LEU B 344 12.28 -37.14 11.91
CA LEU B 344 12.15 -37.79 13.21
C LEU B 344 10.89 -37.33 13.93
N ILE B 345 10.58 -36.03 13.88
CA ILE B 345 9.35 -35.53 14.49
C ILE B 345 8.13 -36.13 13.81
N TYR B 346 8.16 -36.20 12.47
CA TYR B 346 7.04 -36.79 11.74
C TYR B 346 6.84 -38.24 12.10
N PHE B 347 7.93 -39.00 12.23
CA PHE B 347 7.81 -40.41 12.57
C PHE B 347 7.34 -40.60 14.01
N LEU B 348 7.81 -39.78 14.93
CA LEU B 348 7.42 -39.93 16.33
C LEU B 348 6.01 -39.42 16.59
N PHE B 349 5.46 -38.58 15.72
CA PHE B 349 4.09 -38.10 15.93
C PHE B 349 3.05 -38.81 15.07
N THR B 350 3.44 -39.36 13.92
CA THR B 350 2.49 -39.98 13.01
C THR B 350 2.76 -41.44 12.71
N ARG B 351 3.96 -41.95 13.02
CA ARG B 351 4.35 -43.34 12.80
C ARG B 351 4.28 -43.75 11.33
N LYS B 352 4.40 -42.80 10.41
CA LYS B 352 4.42 -43.07 8.98
C LYS B 352 5.85 -42.95 8.46
N ASN B 353 6.01 -43.04 7.14
CA ASN B 353 7.31 -42.92 6.52
C ASN B 353 7.50 -41.50 6.03
N PRO B 354 8.38 -40.70 6.64
CA PRO B 354 8.59 -39.32 6.15
C PRO B 354 9.14 -39.25 4.74
N TYR B 355 9.91 -40.26 4.32
CA TYR B 355 10.53 -40.19 3.00
C TYR B 355 9.53 -40.40 1.87
N ARG B 356 8.41 -41.08 2.14
CA ARG B 356 7.33 -41.09 1.15
C ARG B 356 6.75 -39.69 0.96
N PHE B 357 6.57 -38.95 2.06
CA PHE B 357 6.13 -37.57 1.97
C PHE B 357 7.14 -36.73 1.20
N LEU B 358 8.43 -36.93 1.47
CA LEU B 358 9.47 -36.21 0.74
C LEU B 358 9.45 -36.55 -0.74
N TRP B 359 9.24 -37.82 -1.08
CA TRP B 359 9.13 -38.21 -2.48
C TRP B 359 7.93 -37.57 -3.15
N GLY B 360 6.83 -37.45 -2.41
CA GLY B 360 5.68 -36.74 -2.93
C GLY B 360 5.95 -35.25 -3.17
N ILE B 361 6.77 -34.64 -2.32
CA ILE B 361 6.98 -33.20 -2.38
C ILE B 361 8.33 -32.85 -3.02
N VAL B 362 8.96 -33.78 -3.74
CA VAL B 362 10.23 -33.50 -4.41
C VAL B 362 10.13 -32.27 -5.31
N THR B 363 9.14 -32.23 -6.20
CA THR B 363 9.19 -31.17 -7.21
C THR B 363 8.86 -29.77 -6.67
N PRO B 364 8.06 -29.59 -5.62
CA PRO B 364 8.07 -28.26 -4.97
C PRO B 364 9.41 -27.92 -4.34
N LEU B 365 10.13 -28.90 -3.79
CA LEU B 365 11.44 -28.64 -3.24
C LEU B 365 12.43 -28.20 -4.32
N ALA B 366 12.40 -28.88 -5.47
CA ALA B 366 13.29 -28.48 -6.56
C ALA B 366 12.88 -27.14 -7.15
N THR B 367 11.57 -26.84 -7.18
CA THR B 367 11.13 -25.52 -7.59
C THR B 367 11.63 -24.44 -6.64
N ALA B 368 11.58 -24.73 -5.33
CA ALA B 368 12.11 -23.79 -4.34
C ALA B 368 13.61 -23.60 -4.51
N PHE B 369 14.34 -24.67 -4.80
CA PHE B 369 15.77 -24.56 -5.04
C PHE B 369 16.06 -23.72 -6.28
N GLY B 370 15.29 -23.92 -7.35
CA GLY B 370 15.49 -23.14 -8.55
C GLY B 370 15.16 -21.67 -8.37
N THR B 371 14.04 -21.36 -7.73
CA THR B 371 13.56 -20.00 -7.63
C THR B 371 14.09 -19.24 -6.42
N SER B 372 14.51 -19.95 -5.36
CA SER B 372 14.98 -19.33 -4.11
C SER B 372 13.91 -18.41 -3.52
N SER B 373 12.65 -18.83 -3.57
CA SER B 373 11.56 -18.03 -3.05
C SER B 373 10.45 -18.97 -2.58
N SER B 374 10.15 -18.94 -1.28
CA SER B 374 9.12 -19.81 -0.73
C SER B 374 7.74 -19.42 -1.22
N SER B 375 7.48 -18.13 -1.42
CA SER B 375 6.19 -17.68 -1.93
C SER B 375 5.95 -18.17 -3.34
N ALA B 376 6.99 -18.18 -4.18
CA ALA B 376 6.84 -18.59 -5.57
C ALA B 376 6.46 -20.07 -5.68
N THR B 377 7.05 -20.92 -4.84
CA THR B 377 6.79 -22.35 -4.89
C THR B 377 5.62 -22.77 -4.00
N LEU B 378 4.95 -21.81 -3.35
CA LEU B 378 3.80 -22.15 -2.51
C LEU B 378 2.65 -22.79 -3.27
N PRO B 379 2.22 -22.31 -4.45
CA PRO B 379 1.14 -23.02 -5.16
C PRO B 379 1.48 -24.45 -5.54
N LEU B 380 2.71 -24.69 -6.01
CA LEU B 380 3.10 -26.05 -6.37
C LEU B 380 3.14 -26.95 -5.15
N MET B 381 3.65 -26.43 -4.03
CA MET B 381 3.66 -27.21 -2.79
C MET B 381 2.24 -27.52 -2.32
N MET B 382 1.34 -26.55 -2.42
CA MET B 382 -0.06 -26.78 -2.05
C MET B 382 -0.69 -27.86 -2.91
N LYS B 383 -0.47 -27.79 -4.23
CA LYS B 383 -1.05 -28.79 -5.12
C LYS B 383 -0.47 -30.18 -4.85
N CYS B 384 0.84 -30.28 -4.67
CA CYS B 384 1.46 -31.58 -4.43
C CYS B 384 1.05 -32.17 -3.09
N VAL B 385 0.86 -31.33 -2.07
CA VAL B 385 0.32 -31.81 -0.81
C VAL B 385 -1.13 -32.25 -0.97
N GLU B 386 -1.89 -31.59 -1.84
CA GLU B 386 -3.29 -31.96 -2.01
C GLU B 386 -3.45 -33.29 -2.75
N GLU B 387 -2.73 -33.48 -3.86
CA GLU B 387 -2.97 -34.69 -4.66
C GLU B 387 -2.26 -35.91 -4.08
N ASN B 388 -0.93 -35.88 -4.03
CA ASN B 388 -0.18 -36.89 -3.30
C ASN B 388 -0.37 -36.67 -1.80
N ASN B 389 -0.06 -37.70 -1.01
CA ASN B 389 -0.07 -37.70 0.47
C ASN B 389 -1.23 -36.86 1.01
N GLY B 390 -2.43 -37.34 0.71
CA GLY B 390 -3.60 -36.49 0.55
C GLY B 390 -4.15 -35.82 1.79
N VAL B 391 -3.40 -34.83 2.28
CA VAL B 391 -3.92 -33.89 3.27
C VAL B 391 -5.19 -33.24 2.74
N ALA B 392 -6.18 -33.05 3.62
CA ALA B 392 -7.45 -32.47 3.21
C ALA B 392 -7.24 -31.02 2.74
N LYS B 393 -8.17 -30.57 1.89
CA LYS B 393 -7.99 -29.28 1.22
C LYS B 393 -8.01 -28.12 2.21
N HIS B 394 -8.95 -28.13 3.16
CA HIS B 394 -9.10 -26.99 4.05
C HIS B 394 -7.90 -26.84 4.99
N ILE B 395 -7.45 -27.94 5.59
CA ILE B 395 -6.35 -27.86 6.54
C ILE B 395 -5.05 -27.51 5.84
N SER B 396 -4.81 -28.08 4.65
CA SER B 396 -3.62 -27.75 3.89
C SER B 396 -3.64 -26.28 3.45
N ARG B 397 -4.77 -25.82 2.92
CA ARG B 397 -4.87 -24.44 2.45
C ARG B 397 -4.92 -23.43 3.59
N PHE B 398 -5.12 -23.89 4.83
CA PHE B 398 -4.95 -23.00 5.98
C PHE B 398 -3.53 -23.03 6.54
N ILE B 399 -2.85 -24.18 6.48
CA ILE B 399 -1.54 -24.32 7.11
C ILE B 399 -0.42 -23.82 6.20
N LEU B 400 -0.44 -24.20 4.92
CA LEU B 400 0.66 -23.84 4.02
C LEU B 400 0.88 -22.34 3.86
N PRO B 401 -0.14 -21.51 3.60
CA PRO B 401 0.13 -20.07 3.48
C PRO B 401 0.69 -19.43 4.73
N ILE B 402 0.26 -19.88 5.91
CA ILE B 402 0.78 -19.31 7.16
C ILE B 402 2.25 -19.67 7.35
N GLY B 403 2.58 -20.93 7.13
CA GLY B 403 3.97 -21.36 7.27
C GLY B 403 4.89 -20.83 6.19
N ALA B 404 4.33 -20.47 5.03
CA ALA B 404 5.15 -19.90 3.96
C ALA B 404 5.72 -18.54 4.33
N THR B 405 5.10 -17.83 5.27
CA THR B 405 5.59 -16.54 5.74
C THR B 405 5.98 -16.53 7.20
N VAL B 406 5.71 -17.60 7.94
CA VAL B 406 6.02 -17.68 9.37
C VAL B 406 7.11 -18.72 9.65
N ASN B 407 6.93 -19.93 9.15
CA ASN B 407 7.86 -21.02 9.43
C ASN B 407 9.05 -20.94 8.47
N MET B 408 10.20 -20.53 9.00
CA MET B 408 11.44 -20.45 8.22
C MET B 408 12.58 -21.03 9.06
N ASP B 409 12.79 -22.34 8.93
CA ASP B 409 13.84 -23.00 9.71
C ASP B 409 15.21 -22.79 9.05
N GLY B 410 15.29 -22.98 7.74
CA GLY B 410 16.54 -22.81 7.05
C GLY B 410 17.08 -21.40 7.13
N ALA B 411 16.18 -20.41 7.03
CA ALA B 411 16.59 -19.02 7.17
C ALA B 411 17.18 -18.75 8.55
N ALA B 412 16.53 -19.26 9.60
CA ALA B 412 17.03 -19.06 10.96
C ALA B 412 18.38 -19.72 11.15
N LEU B 413 18.55 -20.94 10.61
CA LEU B 413 19.84 -21.62 10.71
C LEU B 413 20.93 -20.84 9.97
N PHE B 414 20.59 -20.33 8.78
CA PHE B 414 21.52 -19.47 8.04
C PHE B 414 21.95 -18.27 8.85
N GLN B 415 20.99 -17.56 9.44
CA GLN B 415 21.33 -16.32 10.14
C GLN B 415 22.13 -16.59 11.40
N CYS B 416 21.81 -17.68 12.10
CA CYS B 416 22.60 -18.05 13.27
C CYS B 416 24.04 -18.39 12.89
N VAL B 417 24.21 -19.23 11.86
CA VAL B 417 25.56 -19.60 11.43
C VAL B 417 26.33 -18.38 10.94
N ALA B 418 25.66 -17.51 10.17
CA ALA B 418 26.32 -16.32 9.63
C ALA B 418 26.72 -15.37 10.74
N ALA B 419 25.86 -15.18 11.74
CA ALA B 419 26.18 -14.27 12.84
C ALA B 419 27.33 -14.82 13.68
N VAL B 420 27.35 -16.12 13.94
CA VAL B 420 28.47 -16.70 14.68
C VAL B 420 29.76 -16.59 13.88
N PHE B 421 29.68 -16.81 12.56
CA PHE B 421 30.86 -16.68 11.71
C PHE B 421 31.38 -15.24 11.69
N ILE B 422 30.47 -14.26 11.64
CA ILE B 422 30.88 -12.86 11.68
C ILE B 422 31.51 -12.53 13.02
N ALA B 423 30.94 -13.04 14.11
CA ALA B 423 31.53 -12.81 15.44
C ALA B 423 32.93 -13.41 15.54
N GLN B 424 33.12 -14.60 14.98
CA GLN B 424 34.44 -15.22 14.98
C GLN B 424 35.42 -14.51 14.05
N LEU B 425 34.92 -13.81 13.03
CA LEU B 425 35.80 -13.04 12.16
C LEU B 425 36.48 -11.91 12.91
N SER B 426 35.74 -11.24 13.79
CA SER B 426 36.23 -10.07 14.50
C SER B 426 36.86 -10.41 15.85
N GLN B 427 36.98 -11.69 16.17
CA GLN B 427 37.58 -12.17 17.43
C GLN B 427 36.84 -11.60 18.64
N GLN B 428 35.55 -11.92 18.71
CA GLN B 428 34.69 -11.51 19.81
C GLN B 428 34.19 -12.74 20.57
N SER B 429 34.12 -12.62 21.89
CA SER B 429 33.62 -13.71 22.71
C SER B 429 32.12 -13.89 22.53
N LEU B 430 31.66 -15.14 22.65
CA LEU B 430 30.25 -15.46 22.45
C LEU B 430 29.50 -15.77 23.73
N ASP B 431 30.22 -16.08 24.83
CA ASP B 431 29.68 -16.37 26.16
C ASP B 431 28.41 -17.22 26.14
N PHE B 432 27.47 -16.94 27.03
CA PHE B 432 26.22 -17.70 27.12
C PHE B 432 24.99 -16.84 26.88
N VAL B 433 24.90 -15.67 27.54
CA VAL B 433 23.74 -14.81 27.37
C VAL B 433 23.67 -14.27 25.95
N LYS B 434 24.82 -14.03 25.32
CA LYS B 434 24.85 -13.62 23.93
C LYS B 434 24.26 -14.70 23.02
N ILE B 435 24.60 -15.97 23.28
CA ILE B 435 24.04 -17.07 22.50
C ILE B 435 22.53 -17.16 22.73
N ILE B 436 22.09 -17.01 23.97
CA ILE B 436 20.66 -17.10 24.27
C ILE B 436 19.90 -16.00 23.54
N THR B 437 20.40 -14.76 23.63
CA THR B 437 19.68 -13.64 23.01
C THR B 437 19.77 -13.71 21.49
N ILE B 438 20.84 -14.25 20.92
CA ILE B 438 20.90 -14.37 19.47
C ILE B 438 19.93 -15.43 18.98
N LEU B 439 19.77 -16.52 19.75
CA LEU B 439 18.76 -17.52 19.41
C LEU B 439 17.35 -16.92 19.48
N VAL B 440 17.07 -16.17 20.55
CA VAL B 440 15.74 -15.60 20.72
C VAL B 440 15.44 -14.58 19.62
N THR B 441 16.41 -13.73 19.28
CA THR B 441 16.16 -12.74 18.25
C THR B 441 16.05 -13.37 16.86
N ALA B 442 16.82 -14.44 16.60
CA ALA B 442 16.68 -15.15 15.34
C ALA B 442 15.29 -15.76 15.20
N THR B 443 14.80 -16.40 16.28
CA THR B 443 13.46 -16.97 16.23
C THR B 443 12.39 -15.90 16.07
N ALA B 444 12.49 -14.82 16.86
CA ALA B 444 11.46 -13.79 16.84
C ALA B 444 11.49 -12.94 15.58
N SER B 445 12.59 -12.94 14.84
CA SER B 445 12.69 -12.17 13.62
C SER B 445 12.58 -13.02 12.36
N SER B 446 12.63 -14.36 12.49
CA SER B 446 12.34 -15.21 11.34
C SER B 446 10.88 -15.05 10.90
N VAL B 447 9.97 -14.94 11.87
CA VAL B 447 8.56 -14.69 11.56
C VAL B 447 8.40 -13.29 11.00
N GLY B 448 7.58 -13.15 9.97
CA GLY B 448 7.37 -11.88 9.31
C GLY B 448 8.38 -11.53 8.25
N ALA B 449 9.41 -12.35 8.07
CA ALA B 449 10.39 -12.10 7.02
C ALA B 449 9.78 -12.40 5.66
N ALA B 450 10.25 -11.67 4.65
CA ALA B 450 9.76 -11.86 3.29
C ALA B 450 10.26 -13.17 2.71
N GLY B 451 9.42 -13.82 1.92
CA GLY B 451 9.76 -15.03 1.23
C GLY B 451 10.46 -14.82 -0.10
N ILE B 452 10.76 -13.58 -0.46
CA ILE B 452 11.44 -13.24 -1.70
C ILE B 452 12.90 -13.67 -1.60
N PRO B 453 13.62 -13.83 -2.72
CA PRO B 453 15.05 -14.12 -2.64
C PRO B 453 15.80 -13.00 -1.92
N ALA B 454 16.87 -13.39 -1.22
CA ALA B 454 17.66 -12.49 -0.38
C ALA B 454 16.78 -11.82 0.67
N GLY B 455 15.86 -12.60 1.24
CA GLY B 455 14.94 -12.08 2.24
C GLY B 455 15.48 -12.19 3.66
N GLY B 456 16.53 -12.99 3.84
CA GLY B 456 17.14 -13.15 5.15
C GLY B 456 18.19 -12.13 5.50
N VAL B 457 18.57 -11.28 4.56
CA VAL B 457 19.63 -10.30 4.81
C VAL B 457 19.16 -9.25 5.81
N LEU B 458 17.94 -8.76 5.65
CA LEU B 458 17.41 -7.75 6.58
C LEU B 458 17.28 -8.30 7.98
N THR B 459 16.78 -9.53 8.11
CA THR B 459 16.63 -10.15 9.43
C THR B 459 18.00 -10.43 10.05
N LEU B 460 18.98 -10.83 9.23
CA LEU B 460 20.34 -11.00 9.74
C LEU B 460 20.92 -9.68 10.23
N ALA B 461 20.62 -8.59 9.51
CA ALA B 461 21.07 -7.27 9.95
C ALA B 461 20.42 -6.88 11.28
N ILE B 462 19.14 -7.18 11.43
CA ILE B 462 18.47 -6.91 12.71
C ILE B 462 19.10 -7.73 13.82
N ILE B 463 19.43 -8.99 13.54
CA ILE B 463 20.09 -9.84 14.53
C ILE B 463 21.44 -9.25 14.93
N LEU B 464 22.22 -8.81 13.94
CA LEU B 464 23.53 -8.24 14.21
C LEU B 464 23.42 -6.95 15.02
N GLU B 465 22.41 -6.12 14.72
CA GLU B 465 22.19 -4.91 15.51
C GLU B 465 21.80 -5.25 16.94
N ALA B 466 20.96 -6.27 17.12
CA ALA B 466 20.53 -6.65 18.46
C ALA B 466 21.67 -7.22 19.29
N VAL B 467 22.58 -7.98 18.65
CA VAL B 467 23.65 -8.65 19.37
C VAL B 467 24.88 -7.77 19.53
N ASN B 468 24.88 -6.58 18.91
CA ASN B 468 26.00 -5.63 18.98
C ASN B 468 27.27 -6.24 18.40
N LEU B 469 27.18 -6.67 17.13
CA LEU B 469 28.29 -7.20 16.34
C LEU B 469 28.60 -6.28 15.17
N PRO B 470 29.84 -6.30 14.66
CA PRO B 470 30.18 -5.45 13.52
C PRO B 470 29.35 -5.80 12.29
N VAL B 471 29.05 -4.78 11.49
CA VAL B 471 28.21 -4.92 10.31
C VAL B 471 29.03 -4.92 9.02
N ASP B 472 30.24 -4.36 9.04
CA ASP B 472 31.04 -4.18 7.84
C ASP B 472 31.38 -5.50 7.14
N HIS B 473 31.30 -6.63 7.84
CA HIS B 473 31.56 -7.93 7.24
C HIS B 473 30.31 -8.56 6.61
N ILE B 474 29.26 -7.77 6.39
CA ILE B 474 28.06 -8.29 5.75
C ILE B 474 28.30 -8.61 4.28
N SER B 475 29.30 -8.00 3.66
CA SER B 475 29.58 -8.25 2.25
C SER B 475 30.03 -9.68 2.01
N LEU B 476 30.70 -10.30 2.99
CA LEU B 476 31.07 -11.70 2.85
C LEU B 476 29.84 -12.61 2.86
N ILE B 477 28.79 -12.21 3.57
CA ILE B 477 27.57 -13.01 3.60
C ILE B 477 26.84 -12.93 2.27
N LEU B 478 26.75 -11.73 1.68
CA LEU B 478 26.14 -11.55 0.37
C LEU B 478 26.99 -12.15 -0.74
N ALA B 479 28.24 -12.52 -0.46
CA ALA B 479 29.14 -13.02 -1.50
C ALA B 479 28.67 -14.36 -2.05
N VAL B 480 28.17 -15.25 -1.19
CA VAL B 480 27.94 -16.64 -1.58
C VAL B 480 26.52 -17.06 -1.18
N ASP B 481 25.68 -16.09 -0.85
CA ASP B 481 24.34 -16.40 -0.35
C ASP B 481 23.41 -16.98 -1.41
N TRP B 482 23.80 -16.96 -2.69
CA TRP B 482 22.89 -17.36 -3.76
C TRP B 482 22.48 -18.83 -3.67
N LEU B 483 23.38 -19.69 -3.22
CA LEU B 483 23.08 -21.12 -3.12
C LEU B 483 22.49 -21.50 -1.76
N VAL B 484 23.04 -20.94 -0.69
CA VAL B 484 22.56 -21.28 0.63
C VAL B 484 21.16 -20.72 0.85
N ASP B 485 20.82 -19.61 0.19
CA ASP B 485 19.45 -19.11 0.24
C ASP B 485 18.47 -20.09 -0.39
N ARG B 486 18.88 -20.73 -1.49
CA ARG B 486 18.07 -21.78 -2.10
C ARG B 486 17.90 -22.95 -1.14
N SER B 487 18.98 -23.32 -0.45
CA SER B 487 18.89 -24.37 0.56
C SER B 487 17.92 -24.00 1.67
N CYS B 488 17.96 -22.72 2.09
CA CYS B 488 17.04 -22.24 3.12
C CYS B 488 15.59 -22.33 2.64
N THR B 489 15.35 -21.97 1.38
CA THR B 489 14.00 -22.06 0.83
C THR B 489 13.51 -23.50 0.81
N VAL B 490 14.39 -24.43 0.43
CA VAL B 490 14.04 -25.85 0.43
C VAL B 490 13.67 -26.30 1.84
N LEU B 491 14.47 -25.89 2.83
CA LEU B 491 14.18 -26.29 4.21
C LEU B 491 12.86 -25.70 4.70
N ASN B 492 12.57 -24.44 4.35
CA ASN B 492 11.33 -23.81 4.78
C ASN B 492 10.12 -24.51 4.19
N VAL B 493 10.14 -24.80 2.89
CA VAL B 493 8.98 -25.45 2.29
C VAL B 493 8.84 -26.89 2.79
N GLU B 494 9.97 -27.56 3.08
CA GLU B 494 9.88 -28.89 3.67
C GLU B 494 9.25 -28.84 5.05
N GLY B 495 9.63 -27.84 5.87
CA GLY B 495 9.00 -27.69 7.17
C GLY B 495 7.52 -27.42 7.06
N ASP B 496 7.12 -26.60 6.09
CA ASP B 496 5.70 -26.36 5.83
C ASP B 496 4.98 -27.67 5.54
N ALA B 497 5.50 -28.47 4.61
CA ALA B 497 4.85 -29.70 4.22
C ALA B 497 4.77 -30.68 5.39
N LEU B 498 5.85 -30.79 6.16
CA LEU B 498 5.85 -31.73 7.29
C LEU B 498 4.88 -31.29 8.38
N GLY B 499 4.78 -29.99 8.64
CA GLY B 499 3.79 -29.51 9.60
C GLY B 499 2.37 -29.81 9.14
N ALA B 500 2.12 -29.62 7.84
CA ALA B 500 0.82 -30.00 7.29
C ALA B 500 0.57 -31.49 7.47
N GLY B 501 1.60 -32.31 7.29
CA GLY B 501 1.44 -33.74 7.48
C GLY B 501 1.10 -34.13 8.90
N LEU B 502 1.80 -33.54 9.89
CA LEU B 502 1.46 -33.80 11.28
C LEU B 502 0.03 -33.38 11.61
N LEU B 503 -0.38 -32.19 11.14
CA LEU B 503 -1.74 -31.73 11.44
C LEU B 503 -2.79 -32.62 10.76
N GLN B 504 -2.51 -33.07 9.54
CA GLN B 504 -3.44 -33.96 8.84
C GLN B 504 -3.56 -35.30 9.56
N ASN B 505 -2.43 -35.84 10.04
CA ASN B 505 -2.48 -37.08 10.79
C ASN B 505 -3.23 -36.90 12.11
N TYR B 506 -3.06 -35.74 12.75
CA TYR B 506 -3.78 -35.47 13.99
C TYR B 506 -5.28 -35.40 13.76
N VAL B 507 -5.71 -34.72 12.69
CA VAL B 507 -7.14 -34.62 12.43
C VAL B 507 -7.70 -35.92 11.85
N ASP B 508 -6.85 -36.81 11.35
CA ASP B 508 -7.32 -38.13 10.95
C ASP B 508 -7.72 -38.96 12.17
N ARG B 509 -7.00 -38.80 13.27
CA ARG B 509 -7.28 -39.55 14.50
C ARG B 509 -8.58 -39.10 15.15
N ASP C 64 -29.57 -3.90 41.38
CA ASP C 64 -29.94 -2.52 41.08
C ASP C 64 -29.88 -2.26 39.57
N GLN C 65 -30.66 -1.30 39.11
CA GLN C 65 -30.69 -0.96 37.69
C GLN C 65 -29.45 -0.21 37.22
N VAL C 66 -28.63 0.29 38.14
CA VAL C 66 -27.43 1.03 37.76
C VAL C 66 -26.46 0.13 37.01
N ARG C 67 -26.24 -1.09 37.53
CA ARG C 67 -25.33 -2.01 36.87
C ARG C 67 -25.87 -2.45 35.51
N ARG C 68 -27.19 -2.66 35.40
CA ARG C 68 -27.76 -3.02 34.12
C ARG C 68 -27.63 -1.88 33.11
N CYS C 69 -27.83 -0.63 33.55
CA CYS C 69 -27.65 0.50 32.66
C CYS C 69 -26.20 0.66 32.23
N LEU C 70 -25.26 0.42 33.15
CA LEU C 70 -23.85 0.49 32.80
C LEU C 70 -23.47 -0.60 31.80
N ARG C 71 -24.02 -1.80 31.98
CA ARG C 71 -23.77 -2.89 31.03
C ARG C 71 -24.35 -2.57 29.66
N ALA C 72 -25.54 -1.97 29.63
CA ALA C 72 -26.16 -1.59 28.36
C ALA C 72 -25.35 -0.52 27.63
N ASN C 73 -24.84 0.46 28.37
CA ASN C 73 -24.06 1.56 27.81
C ASN C 73 -22.57 1.40 28.06
N LEU C 74 -22.06 0.17 27.97
CA LEU C 74 -20.64 -0.07 28.25
C LEU C 74 -19.76 0.59 27.21
N LEU C 75 -20.20 0.61 25.94
CA LEU C 75 -19.39 1.21 24.88
C LEU C 75 -19.23 2.71 25.09
N VAL C 76 -20.33 3.39 25.41
CA VAL C 76 -20.29 4.84 25.62
C VAL C 76 -19.38 5.18 26.79
N LEU C 77 -19.57 4.49 27.90
CA LEU C 77 -18.75 4.72 29.08
C LEU C 77 -17.28 4.44 28.81
N LEU C 78 -17.00 3.34 28.12
CA LEU C 78 -15.62 2.97 27.81
C LEU C 78 -14.95 4.03 26.94
N THR C 79 -15.65 4.52 25.91
CA THR C 79 -15.03 5.49 25.02
C THR C 79 -14.83 6.84 25.71
N VAL C 80 -15.82 7.29 26.49
CA VAL C 80 -15.69 8.57 27.19
C VAL C 80 -14.59 8.49 28.24
N VAL C 81 -14.53 7.39 29.01
CA VAL C 81 -13.48 7.21 29.98
C VAL C 81 -12.12 7.08 29.30
N ALA C 82 -12.08 6.48 28.11
CA ALA C 82 -10.84 6.42 27.36
C ALA C 82 -10.33 7.80 26.99
N VAL C 83 -11.23 8.68 26.54
CA VAL C 83 -10.83 10.05 26.19
C VAL C 83 -10.34 10.79 27.43
N VAL C 84 -11.09 10.69 28.53
CA VAL C 84 -10.73 11.41 29.76
C VAL C 84 -9.41 10.89 30.31
N ALA C 85 -9.22 9.57 30.31
CA ALA C 85 -7.99 8.97 30.80
C ALA C 85 -6.81 9.27 29.88
N GLY C 86 -7.05 9.41 28.57
CA GLY C 86 -6.00 9.85 27.69
C GLY C 86 -5.54 11.26 28.02
N VAL C 87 -6.49 12.15 28.28
CA VAL C 87 -6.13 13.52 28.68
C VAL C 87 -5.35 13.50 29.99
N ALA C 88 -5.83 12.73 30.97
CA ALA C 88 -5.17 12.68 32.27
C ALA C 88 -3.77 12.08 32.18
N LEU C 89 -3.63 11.00 31.41
CA LEU C 89 -2.32 10.36 31.26
C LEU C 89 -1.36 11.26 30.50
N GLY C 90 -1.82 11.96 29.48
CA GLY C 90 -0.97 12.91 28.79
C GLY C 90 -0.49 14.01 29.71
N LEU C 91 -1.39 14.57 30.51
CA LEU C 91 -0.99 15.61 31.45
C LEU C 91 -0.01 15.09 32.50
N GLY C 92 -0.26 13.88 33.00
CA GLY C 92 0.63 13.32 34.01
C GLY C 92 2.02 13.02 33.48
N VAL C 93 2.10 12.46 32.27
CA VAL C 93 3.40 12.17 31.68
C VAL C 93 4.13 13.46 31.30
N SER C 94 3.39 14.46 30.81
CA SER C 94 4.01 15.74 30.47
C SER C 94 4.55 16.43 31.72
N GLY C 95 3.83 16.32 32.84
CA GLY C 95 4.33 16.88 34.09
C GLY C 95 5.62 16.21 34.54
N ALA C 96 5.71 14.90 34.38
CA ALA C 96 6.89 14.14 34.78
C ALA C 96 7.82 13.90 33.59
N GLY C 97 8.37 14.99 33.07
CA GLY C 97 9.39 14.90 32.04
C GLY C 97 9.04 15.53 30.70
N GLY C 98 7.81 15.33 30.24
CA GLY C 98 7.43 15.84 28.92
C GLY C 98 8.18 15.20 27.78
N ALA C 99 8.34 13.88 27.82
CA ALA C 99 8.98 13.03 26.81
C ALA C 99 10.49 13.20 26.79
N LEU C 100 11.02 14.20 27.50
CA LEU C 100 12.46 14.35 27.60
C LEU C 100 13.07 13.23 28.43
N ALA C 101 12.40 12.86 29.52
CA ALA C 101 12.82 11.68 30.28
C ALA C 101 12.45 10.39 29.58
N LEU C 102 11.40 10.40 28.75
CA LEU C 102 10.99 9.19 28.05
C LEU C 102 12.02 8.80 27.00
N GLY C 103 12.43 9.74 26.16
CA GLY C 103 13.35 9.45 25.08
C GLY C 103 12.62 8.97 23.83
N PRO C 104 13.34 8.86 22.72
CA PRO C 104 12.70 8.56 21.44
C PRO C 104 12.07 7.18 21.37
N GLU C 105 12.82 6.14 21.73
CA GLU C 105 12.31 4.78 21.62
C GLU C 105 11.12 4.55 22.55
N ARG C 106 11.22 5.02 23.80
CA ARG C 106 10.11 4.86 24.73
C ARG C 106 8.91 5.70 24.31
N LEU C 107 9.16 6.89 23.77
CA LEU C 107 8.06 7.72 23.26
C LEU C 107 7.34 7.04 22.10
N SER C 108 8.10 6.44 21.19
CA SER C 108 7.50 5.74 20.06
C SER C 108 6.70 4.53 20.53
N ALA C 109 7.24 3.77 21.48
CA ALA C 109 6.49 2.63 22.03
C ALA C 109 5.23 3.10 22.75
N PHE C 110 5.29 4.27 23.39
CA PHE C 110 4.12 4.82 24.06
C PHE C 110 3.04 5.24 23.08
N VAL C 111 3.44 5.84 21.95
CA VAL C 111 2.46 6.36 21.00
C VAL C 111 2.05 5.33 19.93
N PHE C 112 2.67 4.16 19.91
CA PHE C 112 2.32 3.16 18.90
C PHE C 112 0.88 2.66 18.92
N PRO C 113 0.24 2.35 20.07
CA PRO C 113 -1.11 1.77 20.00
C PRO C 113 -2.14 2.65 19.30
N GLY C 114 -2.02 3.97 19.42
CA GLY C 114 -2.92 4.84 18.67
C GLY C 114 -2.74 4.70 17.16
N GLU C 115 -1.48 4.59 16.72
CA GLU C 115 -1.21 4.35 15.31
C GLU C 115 -1.77 2.99 14.88
N LEU C 116 -1.69 1.99 15.76
CA LEU C 116 -2.27 0.69 15.46
C LEU C 116 -3.78 0.79 15.27
N LEU C 117 -4.46 1.53 16.15
CA LEU C 117 -5.90 1.73 15.99
C LEU C 117 -6.22 2.47 14.69
N LEU C 118 -5.43 3.49 14.36
CA LEU C 118 -5.66 4.23 13.13
C LEU C 118 -5.49 3.34 11.90
N ARG C 119 -4.45 2.51 11.90
CA ARG C 119 -4.25 1.58 10.78
C ARG C 119 -5.38 0.56 10.69
N LEU C 120 -5.85 0.08 11.85
CA LEU C 120 -6.96 -0.86 11.85
C LEU C 120 -8.22 -0.24 11.26
N LEU C 121 -8.48 1.03 11.58
CA LEU C 121 -9.69 1.68 11.07
C LEU C 121 -9.54 2.06 9.61
N ARG C 122 -8.34 2.42 9.16
CA ARG C 122 -8.10 2.70 7.75
C ARG C 122 -8.04 1.45 6.89
N MET C 123 -7.83 0.28 7.50
CA MET C 123 -7.73 -0.95 6.73
C MET C 123 -9.04 -1.29 6.02
N ILE C 124 -10.18 -0.98 6.64
CA ILE C 124 -11.48 -1.44 6.17
C ILE C 124 -12.31 -0.34 5.56
N ILE C 125 -11.80 0.89 5.47
CA ILE C 125 -12.64 2.00 5.05
C ILE C 125 -13.01 1.88 3.57
N LEU C 126 -12.05 1.43 2.73
CA LEU C 126 -12.32 1.35 1.30
C LEU C 126 -13.40 0.34 0.94
N PRO C 127 -13.30 -0.94 1.32
CA PRO C 127 -14.38 -1.87 0.97
C PRO C 127 -15.71 -1.51 1.58
N LEU C 128 -15.67 -0.98 2.81
CA LEU C 128 -16.90 -0.57 3.48
C LEU C 128 -17.61 0.53 2.70
N VAL C 129 -16.88 1.60 2.34
CA VAL C 129 -17.48 2.70 1.61
C VAL C 129 -18.01 2.21 0.26
N VAL C 130 -17.20 1.42 -0.46
CA VAL C 130 -17.60 1.00 -1.81
C VAL C 130 -18.86 0.15 -1.75
N CYS C 131 -18.87 -0.88 -0.90
CA CYS C 131 -19.99 -1.80 -0.88
C CYS C 131 -21.24 -1.14 -0.29
N SER C 132 -21.08 -0.33 0.76
CA SER C 132 -22.22 0.35 1.34
C SER C 132 -22.85 1.32 0.35
N LEU C 133 -22.03 2.04 -0.41
CA LEU C 133 -22.58 2.97 -1.38
C LEU C 133 -23.24 2.25 -2.54
N ILE C 134 -22.67 1.12 -2.98
CA ILE C 134 -23.32 0.34 -4.04
C ILE C 134 -24.69 -0.15 -3.57
N GLY C 135 -24.75 -0.70 -2.35
CA GLY C 135 -26.01 -1.19 -1.82
C GLY C 135 -27.03 -0.08 -1.61
N GLY C 136 -26.58 1.08 -1.13
CA GLY C 136 -27.49 2.18 -0.93
C GLY C 136 -28.02 2.76 -2.24
N ALA C 137 -27.16 2.87 -3.25
CA ALA C 137 -27.58 3.41 -4.53
C ALA C 137 -28.48 2.43 -5.28
N ALA C 138 -28.30 1.13 -5.06
CA ALA C 138 -29.13 0.14 -5.72
C ALA C 138 -30.43 -0.14 -4.98
N SER C 139 -30.65 0.47 -3.81
CA SER C 139 -31.83 0.21 -3.01
C SER C 139 -32.96 1.20 -3.26
N LEU C 140 -32.76 2.20 -4.11
CA LEU C 140 -33.77 3.21 -4.35
C LEU C 140 -33.88 3.50 -5.85
N ASP C 141 -35.06 3.94 -6.27
CA ASP C 141 -35.28 4.28 -7.67
C ASP C 141 -34.42 5.47 -8.07
N PRO C 142 -34.01 5.55 -9.33
CA PRO C 142 -33.11 6.65 -9.75
C PRO C 142 -33.69 8.03 -9.51
N GLY C 143 -35.00 8.23 -9.71
CA GLY C 143 -35.59 9.52 -9.43
C GLY C 143 -35.58 9.86 -7.95
N ALA C 144 -35.97 8.89 -7.11
CA ALA C 144 -35.97 9.11 -5.67
C ALA C 144 -34.56 9.30 -5.14
N LEU C 145 -33.61 8.50 -5.63
CA LEU C 145 -32.22 8.67 -5.22
C LEU C 145 -31.68 10.02 -5.66
N GLY C 146 -32.04 10.48 -6.86
CA GLY C 146 -31.61 11.79 -7.31
C GLY C 146 -32.18 12.91 -6.48
N ARG C 147 -33.46 12.82 -6.11
CA ARG C 147 -34.07 13.83 -5.25
C ARG C 147 -33.41 13.85 -3.88
N LEU C 148 -33.17 12.67 -3.30
CA LEU C 148 -32.53 12.59 -2.00
C LEU C 148 -31.11 13.16 -2.05
N GLY C 149 -30.37 12.84 -3.11
CA GLY C 149 -29.03 13.40 -3.26
C GLY C 149 -29.04 14.91 -3.45
N ALA C 150 -30.00 15.42 -4.21
CA ALA C 150 -30.10 16.87 -4.39
C ALA C 150 -30.36 17.56 -3.07
N TRP C 151 -31.28 17.01 -2.26
CA TRP C 151 -31.54 17.58 -0.94
C TRP C 151 -30.31 17.48 -0.05
N ALA C 152 -29.58 16.36 -0.14
CA ALA C 152 -28.39 16.18 0.70
C ALA C 152 -27.31 17.20 0.37
N LEU C 153 -27.01 17.38 -0.92
CA LEU C 153 -26.02 18.40 -1.29
C LEU C 153 -26.50 19.81 -1.01
N LEU C 154 -27.80 20.09 -1.12
CA LEU C 154 -28.29 21.42 -0.73
C LEU C 154 -28.06 21.67 0.75
N PHE C 155 -28.37 20.68 1.59
CA PHE C 155 -28.13 20.81 3.03
C PHE C 155 -26.64 20.99 3.32
N PHE C 156 -25.80 20.20 2.65
CA PHE C 156 -24.36 20.28 2.86
C PHE C 156 -23.82 21.66 2.49
N LEU C 157 -24.25 22.18 1.35
CA LEU C 157 -23.81 23.50 0.91
C LEU C 157 -24.26 24.58 1.88
N VAL C 158 -25.52 24.53 2.32
CA VAL C 158 -26.04 25.55 3.23
C VAL C 158 -25.28 25.51 4.55
N THR C 159 -25.06 24.31 5.10
CA THR C 159 -24.37 24.20 6.39
C THR C 159 -22.92 24.65 6.27
N THR C 160 -22.24 24.29 5.18
CA THR C 160 -20.86 24.72 4.99
C THR C 160 -20.75 26.23 4.85
N LEU C 161 -21.68 26.84 4.11
CA LEU C 161 -21.68 28.29 3.97
C LEU C 161 -21.94 28.97 5.32
N LEU C 162 -22.87 28.43 6.10
CA LEU C 162 -23.14 28.99 7.43
C LEU C 162 -21.93 28.89 8.33
N ALA C 163 -21.24 27.74 8.31
CA ALA C 163 -20.06 27.57 9.14
C ALA C 163 -18.95 28.53 8.72
N SER C 164 -18.75 28.69 7.41
CA SER C 164 -17.72 29.61 6.92
C SER C 164 -18.04 31.05 7.31
N ALA C 165 -19.30 31.45 7.17
CA ALA C 165 -19.69 32.81 7.55
C ALA C 165 -19.52 33.04 9.04
N LEU C 166 -19.88 32.06 9.86
CA LEU C 166 -19.70 32.19 11.30
C LEU C 166 -18.22 32.30 11.66
N GLY C 167 -17.38 31.50 11.01
CA GLY C 167 -15.95 31.58 11.27
C GLY C 167 -15.37 32.93 10.91
N VAL C 168 -15.71 33.45 9.72
CA VAL C 168 -15.22 34.76 9.30
C VAL C 168 -15.70 35.85 10.25
N GLY C 169 -16.99 35.82 10.62
CA GLY C 169 -17.51 36.84 11.50
C GLY C 169 -16.88 36.81 12.89
N LEU C 170 -16.70 35.61 13.44
CA LEU C 170 -16.12 35.51 14.78
C LEU C 170 -14.65 35.91 14.77
N ALA C 171 -13.90 35.53 13.73
CA ALA C 171 -12.51 35.93 13.63
C ALA C 171 -12.38 37.43 13.44
N LEU C 172 -13.28 38.04 12.68
CA LEU C 172 -13.25 39.49 12.52
C LEU C 172 -13.61 40.19 13.83
N ALA C 173 -14.54 39.63 14.59
CA ALA C 173 -14.97 40.26 15.84
C ALA C 173 -13.88 40.19 16.90
N LEU C 174 -13.27 39.00 17.09
CA LEU C 174 -12.31 38.85 18.16
C LEU C 174 -10.89 39.26 17.78
N GLN C 175 -10.57 39.26 16.48
CA GLN C 175 -9.28 39.68 15.94
C GLN C 175 -8.13 38.89 16.56
N PRO C 176 -7.98 37.59 16.22
CA PRO C 176 -6.87 36.82 16.79
C PRO C 176 -5.50 37.22 16.25
N GLY C 177 -5.44 37.82 15.06
CA GLY C 177 -4.16 38.18 14.49
C GLY C 177 -3.43 39.26 15.27
N ALA C 178 -4.14 40.29 15.70
CA ALA C 178 -3.54 41.38 16.45
C ALA C 178 -4.57 42.06 17.34
N ALA C 196 9.23 27.72 -2.66
CA ALA C 196 7.88 27.20 -2.49
C ALA C 196 7.05 27.39 -3.75
N PRO C 197 6.73 26.29 -4.43
CA PRO C 197 5.92 26.39 -5.64
C PRO C 197 4.50 26.84 -5.34
N SER C 198 3.93 27.57 -6.29
CA SER C 198 2.58 28.11 -6.15
C SER C 198 1.55 27.10 -6.67
N LYS C 199 0.27 27.48 -6.59
CA LYS C 199 -0.81 26.61 -7.02
C LYS C 199 -2.01 27.48 -7.35
N GLU C 200 -2.34 27.59 -8.64
CA GLU C 200 -3.47 28.41 -9.05
C GLU C 200 -4.79 27.77 -8.62
N VAL C 201 -5.76 28.62 -8.29
CA VAL C 201 -7.04 28.14 -7.79
C VAL C 201 -7.84 27.46 -8.90
N LEU C 202 -7.70 27.94 -10.14
CA LEU C 202 -8.34 27.27 -11.26
C LEU C 202 -7.80 25.86 -11.43
N ASP C 203 -6.48 25.69 -11.27
CA ASP C 203 -5.89 24.36 -11.32
C ASP C 203 -6.35 23.50 -10.16
N SER C 204 -6.55 24.09 -8.99
CA SER C 204 -7.07 23.33 -7.86
C SER C 204 -8.50 22.84 -8.13
N PHE C 205 -9.34 23.70 -8.71
CA PHE C 205 -10.69 23.30 -9.05
C PHE C 205 -10.69 22.22 -10.13
N LEU C 206 -9.81 22.34 -11.12
CA LEU C 206 -9.69 21.31 -12.15
C LEU C 206 -9.19 19.99 -11.55
N ASP C 207 -8.28 20.08 -10.57
CA ASP C 207 -7.83 18.87 -9.88
C ASP C 207 -8.95 18.21 -9.12
N LEU C 208 -9.79 19.01 -8.46
CA LEU C 208 -10.96 18.44 -7.78
C LEU C 208 -11.91 17.77 -8.77
N ALA C 209 -12.15 18.42 -9.92
CA ALA C 209 -13.02 17.83 -10.93
C ALA C 209 -12.44 16.53 -11.49
N ARG C 210 -11.12 16.49 -11.68
CA ARG C 210 -10.46 15.26 -12.15
C ARG C 210 -10.53 14.17 -11.09
N ASN C 211 -10.42 14.54 -9.81
CA ASN C 211 -10.53 13.57 -8.73
C ASN C 211 -11.95 13.04 -8.58
N ILE C 212 -12.95 13.83 -8.99
CA ILE C 212 -14.33 13.34 -8.99
C ILE C 212 -14.48 12.16 -9.96
N PHE C 213 -13.87 12.26 -11.14
CA PHE C 213 -13.93 11.22 -12.16
C PHE C 213 -12.53 10.64 -12.37
N PRO C 214 -12.16 9.59 -11.64
CA PRO C 214 -10.79 9.06 -11.77
C PRO C 214 -10.58 8.35 -13.10
N SER C 215 -9.31 8.23 -13.47
CA SER C 215 -8.91 7.56 -14.71
C SER C 215 -8.53 6.09 -14.50
N ASN C 216 -8.44 5.63 -13.26
CA ASN C 216 -8.07 4.24 -12.99
C ASN C 216 -8.54 3.90 -11.59
N LEU C 217 -9.48 2.95 -11.49
CA LEU C 217 -10.09 2.63 -10.20
C LEU C 217 -9.07 2.05 -9.22
N VAL C 218 -8.24 1.12 -9.70
CA VAL C 218 -7.23 0.52 -8.84
C VAL C 218 -6.20 1.55 -8.40
N SER C 219 -5.77 2.42 -9.32
CA SER C 219 -4.87 3.50 -8.96
C SER C 219 -5.55 4.50 -8.02
N ALA C 220 -6.83 4.79 -8.27
CA ALA C 220 -7.57 5.70 -7.40
C ALA C 220 -7.86 5.09 -6.03
N ALA C 221 -7.66 3.79 -5.86
CA ALA C 221 -7.88 3.19 -4.55
C ALA C 221 -6.80 3.57 -3.54
N PHE C 222 -5.64 4.04 -3.99
CA PHE C 222 -4.56 4.37 -3.07
C PHE C 222 -3.81 5.64 -3.40
N ARG C 223 -4.22 6.41 -4.41
CA ARG C 223 -3.53 7.65 -4.74
C ARG C 223 -4.47 8.56 -5.51
N SER C 224 -4.14 9.85 -5.51
CA SER C 224 -5.00 10.88 -6.07
C SER C 224 -4.24 11.66 -7.15
N TYR C 225 -4.86 12.73 -7.64
CA TYR C 225 -4.34 13.53 -8.73
C TYR C 225 -4.00 14.93 -8.24
N SER C 226 -2.89 15.48 -8.73
CA SER C 226 -2.49 16.84 -8.43
C SER C 226 -1.67 17.40 -9.59
N THR C 227 -1.81 18.68 -9.84
CA THR C 227 -1.14 19.32 -10.97
C THR C 227 0.20 19.89 -10.54
N THR C 228 1.10 20.03 -11.51
CA THR C 228 2.45 20.53 -11.27
C THR C 228 2.81 21.52 -12.37
N TYR C 229 3.59 22.53 -12.00
CA TYR C 229 4.05 23.55 -12.94
C TYR C 229 5.53 23.36 -13.23
N GLU C 230 5.88 23.38 -14.51
CA GLU C 230 7.27 23.27 -14.93
C GLU C 230 7.50 24.17 -16.14
N GLU C 231 8.75 24.57 -16.33
CA GLU C 231 9.15 25.42 -17.44
C GLU C 231 9.72 24.54 -18.55
N ARG C 232 8.97 24.38 -19.64
CA ARG C 232 9.39 23.55 -20.76
C ARG C 232 9.68 24.34 -22.02
N ASN C 233 9.29 25.61 -22.09
CA ASN C 233 9.52 26.43 -23.27
C ASN C 233 10.92 27.01 -23.21
N ILE C 234 11.22 27.94 -24.14
CA ILE C 234 12.54 28.56 -24.16
C ILE C 234 12.68 29.52 -22.98
N THR C 235 13.93 29.82 -22.63
CA THR C 235 14.20 30.72 -21.52
C THR C 235 13.80 32.16 -21.82
N GLY C 236 13.67 32.52 -23.09
CA GLY C 236 13.19 33.86 -23.43
C GLY C 236 11.74 34.06 -23.06
N THR C 237 10.91 33.04 -23.26
CA THR C 237 9.49 33.07 -22.92
C THR C 237 9.27 32.08 -21.78
N ARG C 238 9.43 32.56 -20.55
CA ARG C 238 9.30 31.71 -19.36
C ARG C 238 7.88 31.81 -18.84
N VAL C 239 7.07 30.79 -19.14
CA VAL C 239 5.70 30.71 -18.69
C VAL C 239 5.47 29.35 -18.05
N LYS C 240 4.70 29.35 -16.96
CA LYS C 240 4.39 28.13 -16.23
C LYS C 240 3.25 27.40 -16.91
N VAL C 241 3.50 26.18 -17.37
CA VAL C 241 2.46 25.33 -17.94
C VAL C 241 2.10 24.26 -16.92
N PRO C 242 0.84 23.87 -16.82
CA PRO C 242 0.46 22.85 -15.83
C PRO C 242 0.58 21.43 -16.36
N VAL C 243 1.30 20.58 -15.63
CA VAL C 243 1.39 19.17 -15.94
C VAL C 243 0.78 18.38 -14.79
N GLY C 244 0.34 17.17 -15.10
CA GLY C 244 -0.38 16.33 -14.15
C GLY C 244 0.43 15.13 -13.72
N GLN C 245 0.24 14.72 -12.47
CA GLN C 245 0.92 13.58 -11.91
C GLN C 245 0.15 13.09 -10.69
N GLU C 246 0.43 11.86 -10.28
CA GLU C 246 -0.33 11.19 -9.23
C GLU C 246 0.44 11.29 -7.91
N VAL C 247 -0.22 11.79 -6.88
CA VAL C 247 0.37 11.91 -5.56
C VAL C 247 -0.33 10.93 -4.63
N GLU C 248 0.34 10.63 -3.52
CA GLU C 248 -0.19 9.66 -2.57
C GLU C 248 -1.41 10.23 -1.84
N GLY C 249 -2.42 9.37 -1.69
CA GLY C 249 -3.66 9.75 -1.03
C GLY C 249 -4.60 8.56 -0.94
N MET C 250 -5.90 8.81 -1.03
CA MET C 250 -6.85 7.70 -1.18
C MET C 250 -7.94 7.96 -2.22
N ASN C 251 -8.17 9.21 -2.61
CA ASN C 251 -9.13 9.57 -3.67
C ASN C 251 -10.50 8.94 -3.42
N ILE C 252 -11.05 9.25 -2.24
CA ILE C 252 -12.31 8.64 -1.85
C ILE C 252 -13.48 9.21 -2.66
N LEU C 253 -13.35 10.42 -3.18
CA LEU C 253 -14.46 11.06 -3.89
C LEU C 253 -14.78 10.33 -5.19
N GLY C 254 -13.75 10.00 -5.97
CA GLY C 254 -13.99 9.29 -7.22
C GLY C 254 -14.55 7.90 -7.00
N LEU C 255 -14.08 7.21 -5.96
CA LEU C 255 -14.63 5.91 -5.63
C LEU C 255 -16.08 6.00 -5.17
N VAL C 256 -16.41 7.07 -4.43
CA VAL C 256 -17.79 7.31 -4.02
C VAL C 256 -18.68 7.49 -5.25
N VAL C 257 -18.22 8.32 -6.20
CA VAL C 257 -19.01 8.58 -7.40
C VAL C 257 -19.19 7.30 -8.21
N PHE C 258 -18.11 6.54 -8.38
CA PHE C 258 -18.18 5.30 -9.14
C PHE C 258 -19.09 4.29 -8.47
N ALA C 259 -19.04 4.19 -7.14
CA ALA C 259 -19.90 3.26 -6.43
C ALA C 259 -21.37 3.63 -6.58
N ILE C 260 -21.68 4.94 -6.50
CA ILE C 260 -23.06 5.38 -6.69
C ILE C 260 -23.55 5.05 -8.10
N VAL C 261 -22.72 5.35 -9.10
CA VAL C 261 -23.11 5.09 -10.49
C VAL C 261 -23.28 3.59 -10.72
N PHE C 262 -22.38 2.79 -10.16
CA PHE C 262 -22.46 1.34 -10.32
C PHE C 262 -23.70 0.77 -9.65
N GLY C 263 -24.07 1.30 -8.48
CA GLY C 263 -25.30 0.86 -7.85
C GLY C 263 -26.54 1.21 -8.64
N VAL C 264 -26.58 2.43 -9.20
CA VAL C 264 -27.70 2.84 -10.04
C VAL C 264 -27.78 1.93 -11.27
N ALA C 265 -26.63 1.64 -11.89
CA ALA C 265 -26.62 0.76 -13.04
C ALA C 265 -27.06 -0.65 -12.69
N LEU C 266 -26.65 -1.14 -11.51
CA LEU C 266 -27.03 -2.48 -11.08
C LEU C 266 -28.52 -2.57 -10.84
N ARG C 267 -29.14 -1.53 -10.27
CA ARG C 267 -30.58 -1.55 -10.13
C ARG C 267 -31.28 -1.35 -11.46
N LYS C 268 -30.62 -0.71 -12.43
CA LYS C 268 -31.22 -0.55 -13.75
C LYS C 268 -31.44 -1.90 -14.42
N LEU C 269 -30.50 -2.82 -14.25
CA LEU C 269 -30.70 -4.19 -14.70
C LEU C 269 -31.77 -4.87 -13.86
N GLY C 270 -32.32 -5.96 -14.41
CA GLY C 270 -33.37 -6.69 -13.72
C GLY C 270 -32.81 -7.74 -12.80
N PRO C 271 -33.18 -9.00 -13.03
CA PRO C 271 -32.64 -10.10 -12.21
C PRO C 271 -31.14 -10.30 -12.37
N GLU C 272 -30.52 -9.72 -13.40
CA GLU C 272 -29.09 -9.94 -13.63
C GLU C 272 -28.24 -9.35 -12.51
N GLY C 273 -28.61 -8.17 -12.02
CA GLY C 273 -27.82 -7.51 -10.98
C GLY C 273 -28.08 -7.96 -9.56
N GLU C 274 -29.07 -8.84 -9.36
CA GLU C 274 -29.41 -9.26 -8.00
C GLU C 274 -28.27 -10.03 -7.35
N LEU C 275 -27.57 -10.86 -8.13
CA LEU C 275 -26.43 -11.60 -7.60
C LEU C 275 -25.33 -10.66 -7.13
N LEU C 276 -25.04 -9.61 -7.90
CA LEU C 276 -24.04 -8.63 -7.49
C LEU C 276 -24.50 -7.86 -6.26
N ILE C 277 -25.80 -7.56 -6.18
CA ILE C 277 -26.33 -6.85 -5.00
C ILE C 277 -26.12 -7.71 -3.75
N ARG C 278 -26.46 -9.00 -3.84
CA ARG C 278 -26.26 -9.90 -2.71
C ARG C 278 -24.79 -10.03 -2.36
N PHE C 279 -23.92 -10.10 -3.37
CA PHE C 279 -22.48 -10.18 -3.16
C PHE C 279 -21.97 -8.99 -2.36
N PHE C 280 -22.31 -7.77 -2.81
CA PHE C 280 -21.84 -6.58 -2.12
C PHE C 280 -22.46 -6.44 -0.73
N ASN C 281 -23.73 -6.83 -0.56
CA ASN C 281 -24.34 -6.77 0.76
C ASN C 281 -23.65 -7.72 1.74
N SER C 282 -23.34 -8.94 1.29
CA SER C 282 -22.62 -9.88 2.13
C SER C 282 -21.24 -9.35 2.50
N PHE C 283 -20.55 -8.78 1.52
CA PHE C 283 -19.21 -8.24 1.78
C PHE C 283 -19.28 -7.11 2.80
N ASN C 284 -20.30 -6.25 2.67
CA ASN C 284 -20.50 -5.17 3.63
C ASN C 284 -20.80 -5.69 5.03
N GLU C 285 -21.60 -6.75 5.14
CA GLU C 285 -21.90 -7.31 6.45
C GLU C 285 -20.66 -7.87 7.12
N ALA C 286 -19.81 -8.57 6.35
CA ALA C 286 -18.56 -9.06 6.91
C ALA C 286 -17.66 -7.91 7.36
N THR C 287 -17.59 -6.85 6.55
CA THR C 287 -16.85 -5.67 6.95
C THR C 287 -17.40 -5.07 8.23
N MET C 288 -18.73 -5.12 8.42
CA MET C 288 -19.33 -4.64 9.65
C MET C 288 -18.92 -5.50 10.86
N VAL C 289 -18.76 -6.81 10.65
CA VAL C 289 -18.28 -7.65 11.74
C VAL C 289 -16.86 -7.25 12.15
N LEU C 290 -15.98 -7.04 11.16
CA LEU C 290 -14.65 -6.52 11.47
C LEU C 290 -14.73 -5.15 12.16
N VAL C 291 -15.69 -4.32 11.76
CA VAL C 291 -15.91 -3.02 12.40
C VAL C 291 -16.24 -3.21 13.88
N SER C 292 -17.09 -4.18 14.19
CA SER C 292 -17.45 -4.42 15.58
C SER C 292 -16.24 -4.84 16.40
N TRP C 293 -15.41 -5.74 15.87
CA TRP C 293 -14.22 -6.13 16.61
C TRP C 293 -13.27 -4.94 16.81
N ILE C 294 -13.07 -4.14 15.76
CA ILE C 294 -12.13 -3.03 15.86
C ILE C 294 -12.64 -1.96 16.81
N MET C 295 -13.96 -1.68 16.81
CA MET C 295 -14.47 -0.68 17.73
C MET C 295 -14.44 -1.20 19.16
N TRP C 296 -14.51 -2.51 19.37
CA TRP C 296 -14.28 -3.02 20.72
C TRP C 296 -12.83 -2.84 21.15
N TYR C 297 -11.89 -2.92 20.21
CA TYR C 297 -10.50 -2.61 20.55
C TYR C 297 -10.28 -1.12 20.77
N ALA C 298 -11.09 -0.27 20.13
CA ALA C 298 -10.80 1.15 19.96
C ALA C 298 -10.43 1.96 21.21
N PRO C 299 -11.08 1.81 22.39
CA PRO C 299 -10.80 2.77 23.48
C PRO C 299 -9.35 2.87 23.90
N VAL C 300 -8.61 1.76 23.91
CA VAL C 300 -7.19 1.82 24.27
C VAL C 300 -6.42 2.67 23.26
N GLY C 301 -6.71 2.47 21.97
CA GLY C 301 -6.06 3.27 20.94
C GLY C 301 -6.40 4.74 21.04
N ILE C 302 -7.66 5.06 21.37
CA ILE C 302 -8.07 6.45 21.54
C ILE C 302 -7.33 7.08 22.72
N MET C 303 -7.24 6.36 23.83
CA MET C 303 -6.53 6.86 25.01
C MET C 303 -5.07 7.12 24.69
N PHE C 304 -4.41 6.19 23.99
CA PHE C 304 -3.00 6.39 23.69
C PHE C 304 -2.79 7.47 22.64
N LEU C 305 -3.72 7.64 21.70
CA LEU C 305 -3.65 8.76 20.77
C LEU C 305 -3.69 10.09 21.49
N VAL C 306 -4.66 10.26 22.39
CA VAL C 306 -4.79 11.52 23.11
C VAL C 306 -3.57 11.77 24.00
N ALA C 307 -3.11 10.73 24.70
CA ALA C 307 -1.94 10.88 25.56
C ALA C 307 -0.70 11.25 24.77
N GLY C 308 -0.47 10.58 23.64
CA GLY C 308 0.69 10.90 22.82
C GLY C 308 0.64 12.29 22.24
N LYS C 309 -0.55 12.72 21.79
CA LYS C 309 -0.68 14.07 21.25
C LYS C 309 -0.42 15.12 22.32
N ILE C 310 -0.88 14.88 23.55
CA ILE C 310 -0.65 15.85 24.62
C ILE C 310 0.82 15.87 25.01
N VAL C 311 1.48 14.72 25.03
CA VAL C 311 2.86 14.64 25.49
C VAL C 311 3.81 15.41 24.55
N GLU C 312 3.51 15.41 23.25
CA GLU C 312 4.42 15.98 22.25
C GLU C 312 4.56 17.50 22.35
N MET C 313 3.92 18.17 23.30
CA MET C 313 4.03 19.62 23.38
C MET C 313 5.43 20.04 23.82
N GLU C 314 5.81 21.27 23.45
CA GLU C 314 7.13 21.81 23.73
C GLU C 314 7.10 22.93 24.76
N ASP C 315 6.37 24.01 24.49
CA ASP C 315 6.29 25.18 25.36
C ASP C 315 4.82 25.58 25.44
N VAL C 316 4.10 25.00 26.41
CA VAL C 316 2.66 25.21 26.50
C VAL C 316 2.36 26.67 26.84
N GLY C 317 3.14 27.28 27.73
CA GLY C 317 2.86 28.65 28.15
C GLY C 317 3.01 29.65 27.02
N LEU C 318 4.14 29.61 26.31
CA LEU C 318 4.36 30.54 25.22
C LEU C 318 3.41 30.27 24.05
N LEU C 319 3.17 29.00 23.74
CA LEU C 319 2.25 28.66 22.66
C LEU C 319 0.84 29.16 22.95
N PHE C 320 0.38 28.98 24.19
CA PHE C 320 -0.94 29.49 24.55
C PHE C 320 -0.97 31.02 24.56
N ALA C 321 0.06 31.65 25.11
CA ALA C 321 0.11 33.11 25.12
C ALA C 321 0.16 33.70 23.71
N ARG C 322 0.62 32.93 22.73
CA ARG C 322 0.66 33.40 21.35
C ARG C 322 -0.63 33.09 20.59
N LEU C 323 -1.24 31.92 20.81
CA LEU C 323 -2.35 31.46 19.98
C LEU C 323 -3.66 31.28 20.75
N GLY C 324 -3.79 31.93 21.92
CA GLY C 324 -5.00 31.74 22.70
C GLY C 324 -6.24 32.30 22.04
N LYS C 325 -6.13 33.50 21.46
CA LYS C 325 -7.29 34.10 20.80
C LYS C 325 -7.70 33.28 19.58
N TYR C 326 -6.74 32.77 18.82
CA TYR C 326 -7.04 31.94 17.66
C TYR C 326 -7.69 30.62 18.06
N ILE C 327 -7.18 29.97 19.11
CA ILE C 327 -7.78 28.74 19.61
C ILE C 327 -9.19 29.01 20.11
N LEU C 328 -9.38 30.13 20.83
CA LEU C 328 -10.70 30.48 21.32
C LEU C 328 -11.67 30.72 20.18
N CYS C 329 -11.22 31.40 19.13
CA CYS C 329 -12.07 31.65 17.97
C CYS C 329 -12.51 30.33 17.33
N CYS C 330 -11.55 29.43 17.09
CA CYS C 330 -11.88 28.15 16.44
C CYS C 330 -12.83 27.32 17.30
N LEU C 331 -12.50 27.18 18.58
CA LEU C 331 -13.31 26.33 19.46
C LEU C 331 -14.69 26.92 19.71
N LEU C 332 -14.77 28.25 19.86
CA LEU C 332 -16.06 28.90 20.06
C LEU C 332 -16.94 28.79 18.82
N GLY C 333 -16.36 28.96 17.63
CA GLY C 333 -17.12 28.75 16.42
C GLY C 333 -17.64 27.33 16.28
N HIS C 334 -16.78 26.35 16.59
CA HIS C 334 -17.20 24.95 16.53
C HIS C 334 -18.31 24.66 17.52
N ALA C 335 -18.19 25.18 18.75
CA ALA C 335 -19.21 24.93 19.77
C ALA C 335 -20.52 25.59 19.41
N ILE C 336 -20.48 26.81 18.87
CA ILE C 336 -21.70 27.50 18.46
C ILE C 336 -22.37 26.75 17.32
N HIS C 337 -21.59 26.30 16.33
CA HIS C 337 -22.18 25.60 15.20
C HIS C 337 -22.72 24.23 15.58
N GLY C 338 -22.08 23.56 16.54
CA GLY C 338 -22.50 22.22 16.90
C GLY C 338 -23.55 22.14 18.00
N LEU C 339 -23.71 23.22 18.77
CA LEU C 339 -24.67 23.20 19.87
C LEU C 339 -25.86 24.12 19.66
N LEU C 340 -25.78 25.07 18.73
CA LEU C 340 -26.86 26.01 18.49
C LEU C 340 -27.41 25.96 17.07
N VAL C 341 -26.54 25.95 16.06
CA VAL C 341 -26.99 26.13 14.68
C VAL C 341 -27.58 24.84 14.13
N LEU C 342 -26.78 23.78 14.10
CA LEU C 342 -27.27 22.50 13.58
C LEU C 342 -28.43 21.92 14.39
N PRO C 343 -28.43 21.94 15.74
CA PRO C 343 -29.65 21.54 16.46
C PRO C 343 -30.86 22.37 16.11
N LEU C 344 -30.69 23.68 15.89
CA LEU C 344 -31.82 24.52 15.50
C LEU C 344 -32.35 24.12 14.13
N ILE C 345 -31.45 23.84 13.18
CA ILE C 345 -31.88 23.41 11.86
C ILE C 345 -32.64 22.09 11.94
N TYR C 346 -32.10 21.14 12.72
CA TYR C 346 -32.76 19.85 12.86
C TYR C 346 -34.13 19.99 13.50
N PHE C 347 -34.25 20.83 14.53
CA PHE C 347 -35.55 21.02 15.18
C PHE C 347 -36.53 21.72 14.26
N LEU C 348 -36.06 22.71 13.48
CA LEU C 348 -36.95 23.41 12.57
C LEU C 348 -37.47 22.50 11.48
N PHE C 349 -36.61 21.63 10.94
CA PHE C 349 -37.05 20.76 9.85
C PHE C 349 -37.68 19.45 10.31
N THR C 350 -37.56 19.10 11.59
CA THR C 350 -38.04 17.82 12.10
C THR C 350 -39.03 17.92 13.25
N ARG C 351 -39.03 19.02 14.01
CA ARG C 351 -39.87 19.19 15.19
C ARG C 351 -39.63 18.10 16.23
N LYS C 352 -38.40 17.60 16.31
CA LYS C 352 -37.97 16.63 17.29
C LYS C 352 -36.87 17.23 18.16
N ASN C 353 -36.28 16.39 19.00
CA ASN C 353 -35.20 16.82 19.88
C ASN C 353 -33.87 16.44 19.25
N PRO C 354 -33.07 17.40 18.79
CA PRO C 354 -31.76 17.05 18.22
C PRO C 354 -30.79 16.49 19.24
N TYR C 355 -30.94 16.83 20.51
CA TYR C 355 -30.01 16.34 21.52
C TYR C 355 -30.23 14.87 21.85
N ARG C 356 -31.42 14.33 21.59
CA ARG C 356 -31.59 12.88 21.66
C ARG C 356 -30.77 12.19 20.57
N PHE C 357 -30.76 12.76 19.36
CA PHE C 357 -29.92 12.24 18.29
C PHE C 357 -28.44 12.34 18.67
N LEU C 358 -28.05 13.46 19.28
CA LEU C 358 -26.67 13.62 19.73
C LEU C 358 -26.31 12.59 20.79
N TRP C 359 -27.23 12.32 21.72
CA TRP C 359 -26.99 11.29 22.73
C TRP C 359 -26.86 9.92 22.07
N GLY C 360 -27.63 9.68 21.01
CA GLY C 360 -27.46 8.46 20.25
C GLY C 360 -26.10 8.33 19.59
N ILE C 361 -25.55 9.45 19.13
CA ILE C 361 -24.30 9.42 18.37
C ILE C 361 -23.10 9.91 19.19
N VAL C 362 -23.21 9.91 20.52
CA VAL C 362 -22.07 10.29 21.38
C VAL C 362 -20.83 9.47 21.05
N THR C 363 -20.98 8.14 20.97
CA THR C 363 -19.81 7.28 20.81
C THR C 363 -19.02 7.56 19.53
N PRO C 364 -19.64 7.68 18.34
CA PRO C 364 -18.86 8.11 17.17
C PRO C 364 -18.25 9.50 17.31
N LEU C 365 -18.91 10.41 18.04
CA LEU C 365 -18.33 11.72 18.28
C LEU C 365 -17.06 11.63 19.12
N ALA C 366 -17.09 10.81 20.17
CA ALA C 366 -15.90 10.61 20.99
C ALA C 366 -14.80 9.91 20.20
N THR C 367 -15.17 8.97 19.33
CA THR C 367 -14.19 8.33 18.47
C THR C 367 -13.56 9.31 17.49
N ALA C 368 -14.37 10.23 16.95
CA ALA C 368 -13.85 11.26 16.06
C ALA C 368 -12.90 12.20 16.79
N PHE C 369 -13.24 12.55 18.03
CA PHE C 369 -12.33 13.38 18.83
C PHE C 369 -11.05 12.63 19.17
N GLY C 370 -11.13 11.32 19.38
CA GLY C 370 -9.93 10.56 19.67
C GLY C 370 -9.02 10.40 18.47
N THR C 371 -9.59 10.09 17.31
CA THR C 371 -8.81 9.73 16.13
C THR C 371 -8.56 10.90 15.18
N SER C 372 -9.35 11.97 15.27
CA SER C 372 -9.21 13.16 14.42
C SER C 372 -9.32 12.83 12.94
N SER C 373 -10.25 11.96 12.56
CA SER C 373 -10.48 11.65 11.16
C SER C 373 -11.92 11.17 10.98
N SER C 374 -12.62 11.78 10.03
CA SER C 374 -14.01 11.43 9.79
C SER C 374 -14.18 10.06 9.15
N SER C 375 -13.17 9.59 8.41
CA SER C 375 -13.29 8.30 7.76
C SER C 375 -13.17 7.14 8.75
N ALA C 376 -12.35 7.30 9.79
CA ALA C 376 -12.17 6.22 10.75
C ALA C 376 -13.42 6.00 11.60
N THR C 377 -14.17 7.07 11.89
CA THR C 377 -15.38 6.97 12.68
C THR C 377 -16.63 6.80 11.83
N LEU C 378 -16.48 6.73 10.51
CA LEU C 378 -17.65 6.53 9.64
C LEU C 378 -18.37 5.21 9.89
N PRO C 379 -17.70 4.05 10.02
CA PRO C 379 -18.46 2.83 10.35
C PRO C 379 -19.21 2.89 11.66
N LEU C 380 -18.58 3.45 12.70
CA LEU C 380 -19.25 3.59 13.98
C LEU C 380 -20.42 4.54 13.88
N MET C 381 -20.27 5.62 13.11
CA MET C 381 -21.39 6.53 12.87
C MET C 381 -22.55 5.82 12.18
N MET C 382 -22.25 5.02 11.15
CA MET C 382 -23.34 4.32 10.45
C MET C 382 -24.04 3.33 11.38
N LYS C 383 -23.27 2.57 12.16
CA LYS C 383 -23.88 1.61 13.07
C LYS C 383 -24.74 2.31 14.12
N CYS C 384 -24.24 3.40 14.70
CA CYS C 384 -24.98 4.09 15.76
C CYS C 384 -26.21 4.79 15.21
N VAL C 385 -26.12 5.37 14.02
CA VAL C 385 -27.27 6.02 13.41
C VAL C 385 -28.33 4.98 13.04
N GLU C 386 -27.91 3.81 12.54
CA GLU C 386 -28.87 2.78 12.19
C GLU C 386 -29.54 2.18 13.41
N GLU C 387 -28.78 1.96 14.49
CA GLU C 387 -29.30 1.22 15.63
C GLU C 387 -29.90 2.12 16.70
N ASN C 388 -29.09 3.06 17.23
CA ASN C 388 -29.56 3.91 18.32
C ASN C 388 -30.68 4.83 17.88
N ASN C 389 -30.60 5.34 16.65
CA ASN C 389 -31.63 6.21 16.10
C ASN C 389 -32.43 5.47 15.04
N GLY C 390 -33.65 5.93 14.82
CA GLY C 390 -34.54 5.30 13.86
C GLY C 390 -34.32 5.77 12.44
N VAL C 391 -33.18 5.42 11.86
CA VAL C 391 -32.83 5.80 10.50
C VAL C 391 -32.74 4.54 9.65
N ALA C 392 -33.35 4.60 8.46
CA ALA C 392 -33.36 3.45 7.57
C ALA C 392 -31.95 3.11 7.10
N LYS C 393 -31.74 1.85 6.75
CA LYS C 393 -30.40 1.38 6.37
C LYS C 393 -29.93 2.05 5.09
N HIS C 394 -30.79 2.10 4.07
CA HIS C 394 -30.38 2.66 2.78
C HIS C 394 -30.06 4.15 2.89
N ILE C 395 -30.86 4.89 3.67
CA ILE C 395 -30.65 6.32 3.81
C ILE C 395 -29.29 6.59 4.45
N SER C 396 -28.98 5.87 5.54
CA SER C 396 -27.71 6.07 6.22
C SER C 396 -26.54 5.65 5.33
N ARG C 397 -26.61 4.45 4.76
CA ARG C 397 -25.51 3.95 3.94
C ARG C 397 -25.32 4.75 2.65
N PHE C 398 -26.31 5.54 2.24
CA PHE C 398 -26.12 6.41 1.10
C PHE C 398 -25.65 7.81 1.50
N ILE C 399 -26.13 8.34 2.62
CA ILE C 399 -25.84 9.73 2.98
C ILE C 399 -24.51 9.85 3.72
N LEU C 400 -24.28 9.01 4.73
CA LEU C 400 -23.09 9.15 5.56
C LEU C 400 -21.78 9.01 4.80
N PRO C 401 -21.58 8.02 3.90
CA PRO C 401 -20.32 8.00 3.14
C PRO C 401 -20.08 9.25 2.29
N ILE C 402 -21.13 9.83 1.73
CA ILE C 402 -20.97 11.06 0.95
C ILE C 402 -20.60 12.22 1.85
N GLY C 403 -21.32 12.37 2.97
CA GLY C 403 -21.07 13.48 3.87
C GLY C 403 -19.74 13.39 4.58
N ALA C 404 -19.22 12.17 4.76
CA ALA C 404 -17.89 12.00 5.35
C ALA C 404 -16.78 12.57 4.47
N THR C 405 -17.07 12.87 3.21
CA THR C 405 -16.11 13.46 2.29
C THR C 405 -16.45 14.89 1.91
N VAL C 406 -17.70 15.17 1.55
CA VAL C 406 -18.05 16.46 0.97
C VAL C 406 -18.62 17.46 1.98
N ASN C 407 -19.09 17.01 3.14
CA ASN C 407 -19.70 17.88 4.14
C ASN C 407 -18.75 18.04 5.30
N MET C 408 -18.00 19.15 5.30
CA MET C 408 -16.99 19.43 6.34
C MET C 408 -17.20 20.86 6.83
N ASP C 409 -18.08 21.02 7.82
CA ASP C 409 -18.33 22.35 8.38
C ASP C 409 -17.19 22.81 9.28
N GLY C 410 -16.66 21.88 10.10
CA GLY C 410 -15.57 22.24 10.99
C GLY C 410 -14.32 22.65 10.25
N ALA C 411 -13.99 21.95 9.16
CA ALA C 411 -12.86 22.34 8.33
C ALA C 411 -13.08 23.71 7.71
N ALA C 412 -14.30 24.01 7.30
CA ALA C 412 -14.60 25.32 6.72
C ALA C 412 -14.39 26.43 7.75
N LEU C 413 -14.92 26.23 8.97
CA LEU C 413 -14.75 27.25 10.00
C LEU C 413 -13.29 27.41 10.40
N PHE C 414 -12.57 26.29 10.51
CA PHE C 414 -11.12 26.32 10.73
C PHE C 414 -10.42 27.15 9.68
N GLN C 415 -10.69 26.87 8.40
CA GLN C 415 -9.94 27.51 7.33
C GLN C 415 -10.28 28.98 7.23
N CYS C 416 -11.54 29.35 7.46
CA CYS C 416 -11.92 30.75 7.45
C CYS C 416 -11.26 31.51 8.59
N VAL C 417 -11.30 30.95 9.80
CA VAL C 417 -10.69 31.61 10.95
C VAL C 417 -9.19 31.75 10.76
N ALA C 418 -8.54 30.69 10.25
CA ALA C 418 -7.10 30.73 10.03
C ALA C 418 -6.73 31.74 8.96
N ALA C 419 -7.52 31.83 7.88
CA ALA C 419 -7.25 32.81 6.84
C ALA C 419 -7.37 34.23 7.37
N VAL C 420 -8.40 34.50 8.16
CA VAL C 420 -8.55 35.84 8.74
C VAL C 420 -7.41 36.14 9.72
N PHE C 421 -7.02 35.14 10.50
CA PHE C 421 -5.93 35.31 11.46
C PHE C 421 -4.61 35.61 10.75
N ILE C 422 -4.33 34.89 9.67
CA ILE C 422 -3.09 35.11 8.92
C ILE C 422 -3.13 36.47 8.23
N ALA C 423 -4.29 36.87 7.70
CA ALA C 423 -4.41 38.18 7.09
C ALA C 423 -4.20 39.30 8.10
N GLN C 424 -4.71 39.12 9.32
CA GLN C 424 -4.51 40.12 10.36
C GLN C 424 -3.07 40.12 10.87
N LEU C 425 -2.39 38.98 10.79
CA LEU C 425 -0.98 38.93 11.20
C LEU C 425 -0.11 39.82 10.33
N SER C 426 -0.35 39.82 9.02
CA SER C 426 0.43 40.59 8.08
C SER C 426 -0.13 41.99 7.84
N GLN C 427 -1.08 42.42 8.66
CA GLN C 427 -1.68 43.76 8.58
C GLN C 427 -2.24 44.06 7.21
N GLN C 428 -2.91 43.07 6.62
CA GLN C 428 -3.53 43.20 5.30
C GLN C 428 -5.04 43.32 5.47
N SER C 429 -5.60 44.40 4.95
CA SER C 429 -7.03 44.66 5.10
C SER C 429 -7.85 43.75 4.20
N LEU C 430 -9.02 43.36 4.69
CA LEU C 430 -9.95 42.50 3.97
C LEU C 430 -11.25 43.26 3.75
N ASP C 431 -11.57 43.58 2.50
CA ASP C 431 -12.82 44.23 2.16
C ASP C 431 -13.87 43.17 1.84
N PHE C 432 -14.99 43.61 1.25
CA PHE C 432 -16.11 42.71 1.00
C PHE C 432 -15.74 41.59 0.02
N VAL C 433 -15.03 41.94 -1.05
CA VAL C 433 -14.72 40.96 -2.09
C VAL C 433 -13.79 39.87 -1.55
N LYS C 434 -12.84 40.25 -0.69
CA LYS C 434 -11.95 39.26 -0.10
C LYS C 434 -12.72 38.30 0.81
N ILE C 435 -13.70 38.81 1.56
CA ILE C 435 -14.52 37.96 2.41
C ILE C 435 -15.34 37.00 1.58
N ILE C 436 -15.93 37.48 0.48
CA ILE C 436 -16.72 36.60 -0.39
C ILE C 436 -15.85 35.52 -1.00
N THR C 437 -14.65 35.88 -1.46
CA THR C 437 -13.74 34.87 -2.01
C THR C 437 -13.32 33.88 -0.94
N ILE C 438 -13.11 34.35 0.30
CA ILE C 438 -12.76 33.46 1.40
C ILE C 438 -13.88 32.44 1.62
N LEU C 439 -15.13 32.91 1.64
CA LEU C 439 -16.25 32.01 1.86
C LEU C 439 -16.36 30.97 0.75
N VAL C 440 -16.30 31.41 -0.51
CA VAL C 440 -16.47 30.50 -1.63
C VAL C 440 -15.32 29.48 -1.68
N THR C 441 -14.09 29.96 -1.51
CA THR C 441 -12.95 29.06 -1.57
C THR C 441 -12.92 28.13 -0.36
N ALA C 442 -13.43 28.57 0.79
CA ALA C 442 -13.52 27.68 1.95
C ALA C 442 -14.53 26.57 1.71
N THR C 443 -15.67 26.90 1.09
CA THR C 443 -16.64 25.86 0.74
C THR C 443 -16.03 24.86 -0.23
N ALA C 444 -15.33 25.36 -1.25
CA ALA C 444 -14.69 24.48 -2.23
C ALA C 444 -13.62 23.61 -1.58
N SER C 445 -12.83 24.19 -0.67
CA SER C 445 -11.77 23.46 0.00
C SER C 445 -12.33 22.38 0.93
N SER C 446 -13.41 22.70 1.65
CA SER C 446 -14.05 21.70 2.49
C SER C 446 -14.63 20.56 1.66
N VAL C 447 -15.16 20.88 0.47
CA VAL C 447 -15.55 19.82 -0.45
C VAL C 447 -14.35 18.98 -0.84
N GLY C 448 -13.22 19.62 -1.13
CA GLY C 448 -12.03 18.92 -1.56
C GLY C 448 -11.16 18.33 -0.46
N ALA C 449 -11.41 18.68 0.79
CA ALA C 449 -10.59 18.18 1.89
C ALA C 449 -10.86 16.70 2.14
N ALA C 450 -9.86 16.01 2.70
CA ALA C 450 -9.93 14.59 2.96
C ALA C 450 -10.17 14.33 4.44
N GLY C 451 -10.83 13.21 4.73
CA GLY C 451 -11.11 12.82 6.10
C GLY C 451 -9.96 12.14 6.79
N ILE C 452 -8.81 12.80 6.80
CA ILE C 452 -7.60 12.27 7.45
C ILE C 452 -7.11 13.32 8.43
N PRO C 453 -6.36 12.91 9.46
CA PRO C 453 -5.85 13.89 10.43
C PRO C 453 -5.02 14.97 9.77
N ALA C 454 -5.25 16.21 10.19
CA ALA C 454 -4.69 17.41 9.57
C ALA C 454 -5.01 17.48 8.09
N GLY C 455 -6.24 17.08 7.75
CA GLY C 455 -6.69 17.14 6.36
C GLY C 455 -7.10 18.51 5.89
N GLY C 456 -7.51 19.39 6.81
CA GLY C 456 -7.88 20.74 6.44
C GLY C 456 -6.73 21.72 6.34
N VAL C 457 -5.54 21.32 6.79
CA VAL C 457 -4.37 22.20 6.68
C VAL C 457 -3.94 22.35 5.23
N LEU C 458 -4.05 21.28 4.44
CA LEU C 458 -3.54 21.29 3.08
C LEU C 458 -4.30 22.28 2.19
N THR C 459 -5.62 22.36 2.35
CA THR C 459 -6.43 23.26 1.53
C THR C 459 -6.41 24.70 2.03
N LEU C 460 -5.88 24.93 3.24
CA LEU C 460 -5.64 26.30 3.69
C LEU C 460 -4.69 27.03 2.76
N ALA C 461 -3.73 26.31 2.17
CA ALA C 461 -2.86 26.91 1.16
C ALA C 461 -3.65 27.34 -0.06
N ILE C 462 -4.63 26.53 -0.49
CA ILE C 462 -5.48 26.90 -1.61
C ILE C 462 -6.24 28.17 -1.29
N ILE C 463 -6.78 28.27 -0.08
CA ILE C 463 -7.54 29.47 0.30
C ILE C 463 -6.64 30.69 0.35
N LEU C 464 -5.44 30.55 0.93
CA LEU C 464 -4.52 31.67 1.03
C LEU C 464 -4.09 32.13 -0.36
N GLU C 465 -3.85 31.19 -1.28
CA GLU C 465 -3.52 31.57 -2.65
C GLU C 465 -4.70 32.21 -3.36
N ALA C 466 -5.92 31.82 -3.00
CA ALA C 466 -7.10 32.50 -3.54
C ALA C 466 -7.15 33.95 -3.10
N VAL C 467 -6.89 34.21 -1.81
CA VAL C 467 -6.79 35.59 -1.37
C VAL C 467 -5.51 36.25 -1.89
N ASN C 468 -4.43 35.46 -1.99
CA ASN C 468 -3.14 35.76 -2.63
C ASN C 468 -2.36 36.85 -1.91
N LEU C 469 -2.97 37.51 -0.93
CA LEU C 469 -2.24 38.39 -0.02
C LEU C 469 -1.58 37.59 1.11
N PRO C 470 -2.28 36.64 1.78
CA PRO C 470 -1.61 35.89 2.86
C PRO C 470 -0.63 34.85 2.35
N VAL C 471 0.63 35.26 2.16
CA VAL C 471 1.69 34.31 1.84
C VAL C 471 1.69 33.17 2.85
N ASP C 472 1.97 31.96 2.37
CA ASP C 472 1.70 30.74 3.12
C ASP C 472 2.66 30.52 4.29
N HIS C 473 2.52 31.33 5.35
CA HIS C 473 3.18 31.02 6.62
C HIS C 473 2.21 30.35 7.57
N ILE C 474 1.77 29.15 7.16
CA ILE C 474 0.88 28.33 7.97
C ILE C 474 1.61 27.64 9.10
N SER C 475 2.93 27.81 9.18
CA SER C 475 3.71 27.20 10.26
C SER C 475 3.29 27.73 11.63
N LEU C 476 2.78 28.96 11.69
CA LEU C 476 2.30 29.50 12.96
C LEU C 476 0.98 28.87 13.37
N ILE C 477 0.21 28.36 12.41
CA ILE C 477 -1.05 27.70 12.72
C ILE C 477 -0.80 26.38 13.46
N LEU C 478 0.29 25.70 13.13
CA LEU C 478 0.58 24.38 13.69
C LEU C 478 0.92 24.48 15.18
N ALA C 479 1.25 23.32 15.76
CA ALA C 479 1.57 23.09 17.17
C ALA C 479 0.33 23.15 18.05
N VAL C 480 -0.81 23.53 17.47
CA VAL C 480 -2.10 23.44 18.14
C VAL C 480 -3.06 22.79 17.16
N ASP C 481 -2.52 22.23 16.09
CA ASP C 481 -3.36 21.72 15.00
C ASP C 481 -4.13 20.48 15.40
N TRP C 482 -3.58 19.65 16.29
CA TRP C 482 -4.23 18.39 16.65
C TRP C 482 -5.57 18.63 17.36
N LEU C 483 -5.59 19.52 18.35
CA LEU C 483 -6.81 19.73 19.12
C LEU C 483 -7.91 20.37 18.27
N VAL C 484 -7.57 21.41 17.52
CA VAL C 484 -8.56 22.09 16.69
C VAL C 484 -9.01 21.16 15.56
N ASP C 485 -8.09 20.33 15.05
CA ASP C 485 -8.45 19.35 14.04
C ASP C 485 -9.44 18.33 14.60
N ARG C 486 -9.25 17.92 15.86
CA ARG C 486 -10.20 17.02 16.50
C ARG C 486 -11.58 17.67 16.63
N SER C 487 -11.61 18.95 17.01
CA SER C 487 -12.88 19.67 17.06
C SER C 487 -13.53 19.75 15.68
N CYS C 488 -12.73 19.97 14.65
CA CYS C 488 -13.24 20.00 13.27
C CYS C 488 -13.86 18.66 12.89
N THR C 489 -13.18 17.56 13.25
CA THR C 489 -13.71 16.24 12.95
C THR C 489 -15.04 16.01 13.65
N VAL C 490 -15.13 16.42 14.92
CA VAL C 490 -16.38 16.28 15.67
C VAL C 490 -17.50 17.05 14.98
N LEU C 491 -17.22 18.29 14.58
CA LEU C 491 -18.24 19.11 13.93
C LEU C 491 -18.68 18.50 12.61
N ASN C 492 -17.72 18.00 11.81
CA ASN C 492 -18.05 17.38 10.53
C ASN C 492 -18.93 16.15 10.69
N VAL C 493 -18.57 15.23 11.59
CA VAL C 493 -19.32 13.99 11.73
C VAL C 493 -20.70 14.29 12.33
N GLU C 494 -20.76 15.30 13.22
CA GLU C 494 -22.05 15.70 13.76
C GLU C 494 -22.97 16.24 12.67
N GLY C 495 -22.42 17.10 11.79
CA GLY C 495 -23.23 17.61 10.70
C GLY C 495 -23.72 16.50 9.78
N ASP C 496 -22.85 15.51 9.51
CA ASP C 496 -23.25 14.39 8.67
C ASP C 496 -24.40 13.61 9.30
N ALA C 497 -24.29 13.29 10.59
CA ALA C 497 -25.33 12.52 11.25
C ALA C 497 -26.64 13.30 11.33
N LEU C 498 -26.57 14.59 11.64
CA LEU C 498 -27.78 15.40 11.72
C LEU C 498 -28.46 15.52 10.36
N GLY C 499 -27.68 15.67 9.29
CA GLY C 499 -28.27 15.66 7.96
C GLY C 499 -28.92 14.34 7.61
N ALA C 500 -28.29 13.23 8.02
CA ALA C 500 -28.89 11.92 7.77
C ALA C 500 -30.23 11.78 8.50
N GLY C 501 -30.30 12.23 9.75
CA GLY C 501 -31.55 12.19 10.47
C GLY C 501 -32.62 13.08 9.87
N LEU C 502 -32.23 14.28 9.44
CA LEU C 502 -33.17 15.19 8.79
C LEU C 502 -33.74 14.58 7.51
N LEU C 503 -32.88 13.98 6.69
CA LEU C 503 -33.35 13.34 5.47
C LEU C 503 -34.21 12.12 5.76
N GLN C 504 -33.89 11.38 6.83
CA GLN C 504 -34.74 10.26 7.23
C GLN C 504 -36.14 10.72 7.58
N ASN C 505 -36.25 11.81 8.35
CA ASN C 505 -37.58 12.32 8.68
C ASN C 505 -38.29 12.85 7.43
N TYR C 506 -37.56 13.52 6.54
CA TYR C 506 -38.18 14.06 5.34
C TYR C 506 -38.72 12.95 4.45
N VAL C 507 -37.99 11.82 4.37
CA VAL C 507 -38.51 10.66 3.66
C VAL C 507 -39.73 10.11 4.37
N ASP C 508 -39.68 10.00 5.70
CA ASP C 508 -40.82 9.50 6.45
C ASP C 508 -42.02 10.44 6.34
N ARG C 509 -41.77 11.75 6.47
CA ARG C 509 -42.78 12.83 6.49
C ARG C 509 -44.12 12.46 7.11
N ALA D 12 37.34 15.06 -3.71
CA ALA D 12 37.09 15.25 -5.13
C ALA D 12 35.62 15.55 -5.49
N PRO D 13 34.64 14.85 -4.89
CA PRO D 13 33.25 15.24 -5.11
C PRO D 13 32.98 16.61 -4.52
N PRO D 14 32.06 17.38 -5.11
CA PRO D 14 31.77 18.72 -4.59
C PRO D 14 31.06 18.65 -3.25
N PRO D 15 31.16 19.70 -2.44
CA PRO D 15 30.47 19.69 -1.15
C PRO D 15 28.96 19.65 -1.33
N CYS D 16 28.29 18.98 -0.39
CA CYS D 16 26.84 18.83 -0.45
C CYS D 16 26.15 20.11 0.01
N ARG D 17 25.09 20.49 -0.71
CA ARG D 17 24.18 21.56 -0.28
C ARG D 17 22.81 20.92 -0.13
N CYS D 18 22.57 20.32 1.03
CA CYS D 18 21.33 19.61 1.33
C CYS D 18 20.89 20.04 2.72
N MET D 19 20.12 21.11 2.80
CA MET D 19 19.66 21.65 4.06
C MET D 19 18.25 21.13 4.37
N THR D 20 17.81 21.36 5.61
CA THR D 20 16.47 20.99 6.01
C THR D 20 15.46 21.96 5.44
N SER D 21 14.19 21.75 5.77
CA SER D 21 13.12 22.62 5.26
C SER D 21 13.27 24.03 5.83
N SER D 22 13.10 25.02 4.95
CA SER D 22 13.20 26.41 5.37
C SER D 22 12.07 26.78 6.32
N SER D 23 10.86 26.27 6.06
CA SER D 23 9.72 26.53 6.92
C SER D 23 9.13 25.21 7.40
N PRO D 24 8.56 25.19 8.61
CA PRO D 24 7.91 23.96 9.10
C PRO D 24 6.74 23.51 8.25
N TYR D 25 6.08 24.43 7.56
CA TYR D 25 4.93 24.06 6.73
C TYR D 25 5.35 23.17 5.56
N GLN D 26 6.48 23.46 4.94
CA GLN D 26 6.96 22.63 3.84
C GLN D 26 7.30 21.22 4.30
N GLU D 27 7.95 21.10 5.47
CA GLU D 27 8.25 19.79 6.02
C GLU D 27 6.97 19.03 6.35
N PHE D 28 6.01 19.72 6.95
CA PHE D 28 4.71 19.11 7.24
C PHE D 28 4.03 18.63 5.98
N LEU D 29 4.07 19.45 4.92
CA LEU D 29 3.41 19.10 3.66
C LEU D 29 4.05 17.88 3.01
N TRP D 30 5.39 17.82 2.98
CA TRP D 30 5.99 16.67 2.31
C TRP D 30 5.92 15.41 3.16
N ARG D 31 5.94 15.53 4.50
CA ARG D 31 5.78 14.36 5.33
C ARG D 31 4.34 13.88 5.42
N MET D 32 3.36 14.73 5.10
CA MET D 32 1.98 14.30 5.08
C MET D 32 1.64 13.50 3.83
N GLN D 33 2.33 13.75 2.71
CA GLN D 33 2.03 13.12 1.44
C GLN D 33 2.95 11.95 1.12
N ARG D 34 3.75 11.50 2.09
CA ARG D 34 4.59 10.34 1.87
C ARG D 34 3.73 9.08 1.75
N PRO D 35 4.20 8.06 1.02
CA PRO D 35 3.43 6.82 0.92
C PRO D 35 3.26 6.15 2.27
N GLY D 36 2.06 5.64 2.51
CA GLY D 36 1.77 4.94 3.75
C GLY D 36 1.60 5.83 4.96
N ASN D 37 1.43 7.15 4.77
CA ASN D 37 1.21 8.04 5.90
C ASN D 37 -0.13 7.74 6.56
N ILE D 38 -0.14 7.72 7.89
CA ILE D 38 -1.31 7.26 8.63
C ILE D 38 -1.78 8.35 9.60
N ASP D 39 -0.87 9.24 9.99
CA ASP D 39 -1.19 10.25 10.99
C ASP D 39 -0.43 11.53 10.69
N ALA D 40 -0.91 12.62 11.26
CA ALA D 40 -0.25 13.91 11.10
C ALA D 40 1.06 13.93 11.88
N PRO D 41 2.15 14.38 11.27
CA PRO D 41 3.41 14.50 12.01
C PRO D 41 3.31 15.54 13.11
N SER D 42 3.99 15.27 14.22
CA SER D 42 3.98 16.17 15.36
C SER D 42 4.84 17.39 15.10
N TYR D 43 4.53 18.48 15.82
CA TYR D 43 5.33 19.69 15.70
C TYR D 43 6.73 19.51 16.29
N ARG D 44 6.87 18.59 17.25
CA ARG D 44 8.17 18.27 17.81
C ARG D 44 9.12 17.69 16.76
N SER D 45 8.61 16.82 15.89
CA SER D 45 9.45 16.14 14.92
C SER D 45 9.88 17.05 13.78
N LEU D 46 9.21 18.18 13.59
CA LEU D 46 9.57 19.09 12.52
C LEU D 46 10.89 19.79 12.84
N SER D 47 11.68 20.05 11.80
CA SER D 47 12.95 20.73 11.97
C SER D 47 12.72 22.18 12.37
N LYS D 48 13.59 22.69 13.26
CA LYS D 48 13.47 24.03 13.80
C LYS D 48 14.82 24.72 13.74
N GLY D 49 14.79 26.04 13.96
CA GLY D 49 16.01 26.81 13.96
C GLY D 49 16.61 26.97 12.57
N THR D 50 17.92 27.25 12.56
CA THR D 50 18.62 27.41 11.31
C THR D 50 18.71 26.07 10.57
N PRO D 51 18.66 26.08 9.24
CA PRO D 51 18.78 24.82 8.51
C PRO D 51 20.16 24.19 8.67
N THR D 52 20.18 22.86 8.68
CA THR D 52 21.43 22.10 8.80
C THR D 52 21.40 20.97 7.77
N PHE D 53 22.53 20.29 7.65
CA PHE D 53 22.63 19.18 6.72
C PHE D 53 21.77 18.01 7.18
N THR D 54 21.12 17.37 6.22
CA THR D 54 20.30 16.20 6.50
C THR D 54 20.47 15.18 5.37
N ALA D 55 20.30 13.91 5.70
CA ALA D 55 20.48 12.84 4.74
C ALA D 55 19.50 11.71 5.05
N HIS D 56 18.89 11.16 4.01
CA HIS D 56 17.99 10.03 4.15
C HIS D 56 18.75 8.72 4.00
N THR D 57 18.23 7.68 4.63
CA THR D 57 18.87 6.37 4.60
C THR D 57 18.33 5.47 3.49
N HIS D 58 17.35 5.94 2.73
CA HIS D 58 16.78 5.14 1.64
C HIS D 58 16.04 6.07 0.70
N MET D 59 16.20 5.84 -0.60
CA MET D 59 15.49 6.63 -1.59
C MET D 59 15.25 5.81 -2.85
N PRO D 60 14.01 5.64 -3.27
CA PRO D 60 13.72 4.87 -4.49
C PRO D 60 14.26 5.55 -5.73
N ARG D 61 14.56 4.73 -6.75
CA ARG D 61 15.15 5.25 -7.97
C ARG D 61 14.16 6.11 -8.76
N ASN D 62 12.86 5.88 -8.59
CA ASN D 62 11.85 6.62 -9.32
C ASN D 62 11.57 8.02 -8.76
N CYS D 63 12.42 8.51 -7.85
CA CYS D 63 12.27 9.86 -7.32
C CYS D 63 13.24 10.86 -7.93
N TYR D 64 14.30 10.40 -8.58
CA TYR D 64 15.30 11.28 -9.16
C TYR D 64 15.61 10.86 -10.58
N HIS D 65 15.82 11.85 -11.45
CA HIS D 65 16.23 11.55 -12.82
C HIS D 65 17.68 11.10 -12.86
N SER D 66 18.54 11.73 -12.07
CA SER D 66 19.94 11.35 -11.99
C SER D 66 20.46 11.73 -10.61
N ALA D 67 21.53 11.05 -10.19
CA ALA D 67 22.16 11.29 -8.90
C ALA D 67 23.66 11.40 -9.06
N THR D 68 24.28 12.20 -8.21
CA THR D 68 25.72 12.42 -8.23
C THR D 68 26.27 12.33 -6.82
N LEU D 69 27.58 12.10 -6.73
CA LEU D 69 28.25 11.98 -5.44
C LEU D 69 28.59 13.36 -4.90
N CYS D 70 28.52 13.49 -3.58
CA CYS D 70 28.87 14.73 -2.90
C CYS D 70 29.57 14.38 -1.59
N MET D 71 30.34 15.34 -1.07
CA MET D 71 31.15 15.15 0.12
C MET D 71 30.65 16.06 1.23
N HIS D 72 30.47 15.48 2.42
CA HIS D 72 30.11 16.24 3.62
C HIS D 72 30.72 15.56 4.83
N ALA D 73 31.58 16.29 5.56
CA ALA D 73 32.27 15.77 6.74
C ALA D 73 33.04 14.49 6.42
N ASN D 74 33.74 14.50 5.29
CA ASN D 74 34.55 13.38 4.81
C ASN D 74 33.71 12.11 4.64
N THR D 75 32.47 12.26 4.19
CA THR D 75 31.57 11.14 3.94
C THR D 75 30.85 11.37 2.63
N HIS D 76 30.75 10.30 1.83
CA HIS D 76 30.12 10.39 0.52
C HIS D 76 28.62 10.23 0.63
N TYR D 77 27.89 11.08 -0.09
CA TYR D 77 26.43 11.01 -0.16
C TYR D 77 26.00 11.16 -1.61
N TRP D 78 24.79 10.70 -1.91
CA TRP D 78 24.16 10.89 -3.20
C TRP D 78 23.23 12.09 -3.12
N THR D 79 23.25 12.92 -4.16
CA THR D 79 22.43 14.12 -4.21
C THR D 79 21.67 14.16 -5.52
N GLY D 80 20.50 14.79 -5.48
CA GLY D 80 19.65 14.90 -6.67
C GLY D 80 18.42 15.72 -6.37
N LYS D 81 17.63 15.93 -7.41
CA LYS D 81 16.41 16.72 -7.34
C LYS D 81 15.20 15.80 -7.42
N MET D 82 14.24 16.00 -6.51
CA MET D 82 13.05 15.17 -6.47
C MET D 82 12.04 15.61 -7.52
N ILE D 83 11.35 14.64 -8.11
CA ILE D 83 10.38 14.88 -9.18
C ILE D 83 8.96 14.57 -8.76
N ASN D 84 8.73 14.16 -7.51
CA ASN D 84 7.40 13.83 -7.04
C ASN D 84 7.24 14.35 -5.61
N PRO D 85 6.15 15.05 -5.30
CA PRO D 85 5.94 15.53 -3.93
C PRO D 85 5.81 14.42 -2.91
N SER D 86 5.45 13.20 -3.32
CA SER D 86 5.38 12.08 -2.39
C SER D 86 6.76 11.53 -2.04
N CYS D 87 7.79 11.90 -2.78
CA CYS D 87 9.14 11.46 -2.50
C CYS D 87 9.74 12.30 -1.36
N PRO D 88 10.71 11.76 -0.63
CA PRO D 88 11.24 12.47 0.54
C PRO D 88 11.89 13.80 0.16
N GLY D 89 11.69 14.79 1.03
CA GLY D 89 12.24 16.12 0.84
C GLY D 89 11.32 17.10 0.14
N GLY D 90 10.30 16.64 -0.54
CA GLY D 90 9.36 17.49 -1.22
C GLY D 90 9.43 17.34 -2.73
N LEU D 91 8.99 18.40 -3.42
CA LEU D 91 8.95 18.43 -4.87
C LEU D 91 9.93 19.48 -5.37
N GLY D 92 10.82 19.07 -6.27
CA GLY D 92 11.82 19.98 -6.81
C GLY D 92 12.79 20.51 -5.78
N VAL D 93 13.17 19.67 -4.82
CA VAL D 93 14.05 20.06 -3.73
C VAL D 93 15.30 19.20 -3.79
N THR D 94 16.47 19.84 -3.76
CA THR D 94 17.73 19.10 -3.77
C THR D 94 17.95 18.48 -2.39
N VAL D 95 17.98 17.15 -2.34
CA VAL D 95 18.13 16.42 -1.09
C VAL D 95 19.30 15.45 -1.22
N CYS D 96 19.78 14.99 -0.07
CA CYS D 96 20.92 14.10 0.01
C CYS D 96 20.50 12.79 0.67
N TRP D 97 21.11 11.69 0.23
CA TRP D 97 20.90 10.40 0.86
C TRP D 97 22.20 9.62 0.88
N THR D 98 22.25 8.61 1.74
CA THR D 98 23.50 7.92 2.06
C THR D 98 24.00 7.12 0.86
N TYR D 99 25.31 6.82 0.90
CA TYR D 99 25.94 6.06 -0.17
C TYR D 99 25.36 4.65 -0.26
N PHE D 100 25.16 4.00 0.87
CA PHE D 100 24.50 2.69 0.93
C PHE D 100 23.11 2.85 1.53
N THR D 101 22.18 2.01 1.09
CA THR D 101 20.87 1.94 1.70
C THR D 101 20.93 1.05 2.94
N GLN D 102 19.79 0.90 3.61
CA GLN D 102 19.73 0.04 4.77
C GLN D 102 19.96 -1.41 4.38
N THR D 103 20.61 -2.16 5.25
CA THR D 103 20.98 -3.53 4.95
C THR D 103 19.73 -4.41 4.85
N GLY D 104 19.68 -5.21 3.77
CA GLY D 104 18.50 -5.99 3.49
C GLY D 104 17.38 -5.23 2.80
N MET D 105 17.61 -3.97 2.45
CA MET D 105 16.62 -3.13 1.80
C MET D 105 17.09 -2.77 0.41
N SER D 106 16.16 -2.70 -0.53
CA SER D 106 16.47 -2.38 -1.91
C SER D 106 15.54 -1.28 -2.42
N ASP D 107 16.04 -0.49 -3.36
CA ASP D 107 15.29 0.60 -3.96
C ASP D 107 15.12 0.42 -5.47
N GLY D 108 15.06 -0.83 -5.93
CA GLY D 108 14.79 -1.14 -7.32
C GLY D 108 15.85 -0.65 -8.29
N GLY D 109 17.12 -0.91 -7.97
CA GLY D 109 18.21 -0.39 -8.78
C GLY D 109 18.73 0.91 -8.20
N GLY D 110 19.19 1.81 -9.06
CA GLY D 110 19.61 3.11 -8.59
C GLY D 110 21.00 3.10 -7.99
N VAL D 111 21.39 4.28 -7.50
CA VAL D 111 22.78 4.53 -7.10
C VAL D 111 23.14 3.72 -5.86
N GLN D 112 22.23 3.62 -4.89
CA GLN D 112 22.52 2.87 -3.67
C GLN D 112 22.74 1.39 -3.96
N ASP D 113 21.87 0.80 -4.78
CA ASP D 113 22.07 -0.60 -5.17
C ASP D 113 23.38 -0.75 -5.93
N GLN D 114 23.59 0.08 -6.96
CA GLN D 114 24.81 -0.01 -7.76
C GLN D 114 26.05 0.08 -6.88
N ALA D 115 26.00 0.90 -5.83
CA ALA D 115 27.07 0.92 -4.83
C ALA D 115 27.18 -0.41 -4.09
N ARG D 116 26.04 -1.03 -3.77
CA ARG D 116 26.06 -2.30 -3.04
C ARG D 116 26.73 -3.41 -3.85
N GLU D 117 26.29 -3.62 -5.09
CA GLU D 117 26.98 -4.55 -5.97
C GLU D 117 28.43 -4.14 -6.28
N LYS D 118 28.73 -2.85 -6.38
CA LYS D 118 30.13 -2.47 -6.58
C LYS D 118 31.00 -2.90 -5.40
N HIS D 119 30.51 -2.66 -4.17
CA HIS D 119 31.26 -3.04 -2.99
C HIS D 119 31.41 -4.55 -2.88
N VAL D 120 30.35 -5.31 -3.16
CA VAL D 120 30.47 -6.76 -3.02
C VAL D 120 31.37 -7.33 -4.11
N LYS D 121 31.36 -6.76 -5.32
CA LYS D 121 32.29 -7.24 -6.34
C LYS D 121 33.73 -6.88 -6.01
N GLU D 122 33.97 -5.72 -5.39
CA GLU D 122 35.30 -5.40 -4.90
C GLU D 122 35.74 -6.40 -3.84
N VAL D 123 34.83 -6.78 -2.96
CA VAL D 123 35.13 -7.80 -1.95
C VAL D 123 35.48 -9.13 -2.60
N ILE D 124 34.72 -9.52 -3.62
CA ILE D 124 35.02 -10.76 -4.35
C ILE D 124 36.40 -10.69 -4.97
N SER D 125 36.74 -9.56 -5.61
CA SER D 125 38.04 -9.43 -6.28
C SER D 125 39.18 -9.54 -5.27
N GLN D 126 39.08 -8.79 -4.16
CA GLN D 126 40.17 -8.81 -3.19
C GLN D 126 40.26 -10.16 -2.47
N LEU D 127 39.13 -10.82 -2.23
CA LEU D 127 39.15 -12.11 -1.57
C LEU D 127 39.73 -13.19 -2.49
N THR D 128 39.43 -13.09 -3.79
CA THR D 128 40.06 -14.00 -4.76
C THR D 128 41.56 -13.76 -4.83
N ARG D 129 41.99 -12.49 -4.79
CA ARG D 129 43.42 -12.20 -4.74
C ARG D 129 44.05 -12.77 -3.47
N VAL D 130 43.34 -12.70 -2.35
CA VAL D 130 43.82 -13.30 -1.10
C VAL D 130 43.97 -14.81 -1.27
N HIS D 131 43.01 -15.45 -1.93
CA HIS D 131 43.11 -16.88 -2.21
C HIS D 131 44.33 -17.18 -3.07
N GLY D 132 44.61 -16.34 -4.06
CA GLY D 132 45.77 -16.55 -4.91
C GLY D 132 47.09 -16.46 -4.16
N THR D 133 47.15 -15.59 -3.16
CA THR D 133 48.36 -15.44 -2.35
C THR D 133 48.42 -16.53 -1.27
N ALA E . 14.79 -18.06 2.42
CA ALA E . 14.01 -17.06 1.71
C ALA E . 12.52 -17.38 1.83
O ALA E . 11.89 -17.08 2.89
CB ALA E . 14.41 -16.98 0.25
OXT ALA E . 11.93 -17.96 0.89
N ALA F . -10.34 18.12 9.68
CA ALA F . -10.28 16.74 9.24
C ALA F . -11.69 16.19 9.02
O ALA F . -12.60 16.96 8.63
CB ALA F . -9.55 15.88 10.26
OXT ALA F . -11.93 14.98 9.23
#